data_6CQY
#
_entry.id   6CQY
#
_cell.length_a   105.152
_cell.length_b   105.152
_cell.length_c   324.321
_cell.angle_alpha   90.00
_cell.angle_beta   90.00
_cell.angle_gamma   120.00
#
_symmetry.space_group_name_H-M   'P 31 2 1'
#
loop_
_entity.id
_entity.type
_entity.pdbx_description
1 polymer Acetylcholinesterase
2 branched 2-acetamido-2-deoxy-beta-D-glucopyranose-(1-4)-[alpha-L-fucopyranose-(1-6)]2-acetamido-2-deoxy-beta-D-glucopyranose
3 non-polymer 2-acetamido-2-deoxy-beta-D-glucopyranose
4 non-polymer 4-(AMINOCARBONYL)-1-[({2-[(E)-(HYDROXYIMINO)METHYL]PYRIDINIUM-1-YL}METHOXY)METHYL]PYRIDINIUM
5 non-polymer 'O-ETHYLMETHYLPHOSPHONIC ACID ESTER GROUP'
6 water water
#
_entity_poly.entity_id   1
_entity_poly.type   'polypeptide(L)'
_entity_poly.pdbx_seq_one_letter_code
;GREDAELLVTVRGGRLRGIRLKTPGGPVSAFLGIPFAEPPMGPRRFLPPEPKQPWSGVVDATTFQSVCYQYVDTLYPGFE
GTEMWNPNRELSEDCLYLNVWTPYPRPTSPTPVLVWIYGGGFYSGASSLDVYDGRFLVQAERTVLVSMNYRVGAFGFLAL
PGSREAPGNVGLLDQRLALQWVQENVAAFGGDPTSVTLFGESAGAASVGMHLLSPPSRGLFHRAVLQSGAPNGPWATVGM
GEARRRATQLAHLVGCPPGGTGGNDTELVACLRTRPAQVLVNHEWHVLPQESVFRFSFVPVVDGDFLSDTPEALINAGDF
HGLQVLVGVVKDEGSYFLVYGAPGFSKDNESLISRAEFLAGVRVGVPQVSDLAAEAVVLHYTDWLHPEDPARLREALSDV
VGDHNVVCPVAQLAGRLAAQGARVYAYVFEHRASTLSWPLWMGVPHGYEIEFIFGIPLDPSRNYTAEEKIFAQRLMRYWA
NFARTGDPNEPRDPKAPQWPPYTAGAQQYVSLDLRPLEVRRGLRAQACAFWNRFLPKLLSAT
;
_entity_poly.pdbx_strand_id   A,B
#
loop_
_chem_comp.id
_chem_comp.type
_chem_comp.name
_chem_comp.formula
FUC L-saccharide, alpha linking alpha-L-fucopyranose 'C6 H12 O5'
HI6 non-polymer 4-(AMINOCARBONYL)-1-[({2-[(E)-(HYDROXYIMINO)METHYL]PYRIDINIUM-1-YL}METHOXY)METHYL]PYRIDINIUM 'C14 H16 N4 O3 2'
NAG D-saccharide, beta linking 2-acetamido-2-deoxy-beta-D-glucopyranose 'C8 H15 N O6'
VX non-polymer 'O-ETHYLMETHYLPHOSPHONIC ACID ESTER GROUP' 'C3 H9 O3 P'
#
# COMPACT_ATOMS: atom_id res chain seq x y z
N GLU A 3 2.20 13.08 23.86
CA GLU A 3 1.70 11.71 23.75
C GLU A 3 0.51 11.64 22.82
N ASP A 4 0.28 10.49 22.20
CA ASP A 4 -0.85 10.32 21.29
C ASP A 4 -1.85 9.37 21.97
N ALA A 5 -3.07 9.86 22.16
CA ALA A 5 -4.10 9.04 22.80
C ALA A 5 -4.31 7.73 22.05
N GLU A 6 -4.08 7.73 20.74
CA GLU A 6 -4.31 6.52 19.95
C GLU A 6 -3.38 5.38 20.36
N LEU A 7 -2.16 5.70 20.80
CA LEU A 7 -1.19 4.67 21.10
C LEU A 7 -1.02 4.44 22.60
N LEU A 8 -1.95 4.91 23.42
CA LEU A 8 -1.95 4.62 24.84
C LEU A 8 -3.21 3.82 25.16
N VAL A 9 -3.01 2.64 25.73
CA VAL A 9 -4.07 1.71 26.04
C VAL A 9 -3.82 1.15 27.44
N THR A 10 -4.89 0.98 28.21
CA THR A 10 -4.81 0.34 29.51
C THR A 10 -5.43 -1.05 29.42
N VAL A 11 -4.61 -2.07 29.67
CA VAL A 11 -5.08 -3.44 29.76
C VAL A 11 -5.13 -3.82 31.24
N ARG A 12 -5.56 -5.05 31.53
CA ARG A 12 -5.83 -5.43 32.92
C ARG A 12 -4.58 -5.36 33.80
N GLY A 13 -3.39 -5.44 33.22
CA GLY A 13 -2.17 -5.47 34.01
C GLY A 13 -1.48 -4.13 34.18
N GLY A 14 -1.90 -3.13 33.43
CA GLY A 14 -1.28 -1.83 33.50
C GLY A 14 -1.41 -1.11 32.16
N ARG A 15 -0.62 -0.06 32.01
CA ARG A 15 -0.70 0.82 30.86
C ARG A 15 0.35 0.46 29.81
N LEU A 16 0.01 0.71 28.55
CA LEU A 16 0.86 0.37 27.42
C LEU A 16 1.01 1.57 26.51
N ARG A 17 2.16 1.64 25.85
CA ARG A 17 2.45 2.65 24.82
C ARG A 17 2.87 1.92 23.56
N GLY A 18 2.21 2.22 22.45
CA GLY A 18 2.48 1.60 21.18
C GLY A 18 3.11 2.53 20.17
N ILE A 19 3.10 2.09 18.91
CA ILE A 19 3.69 2.84 17.83
C ILE A 19 2.73 2.88 16.64
N ARG A 20 2.86 3.94 15.85
CA ARG A 20 2.10 4.12 14.62
C ARG A 20 2.96 3.64 13.45
N LEU A 21 2.50 2.58 12.78
CA LEU A 21 3.20 2.03 11.65
C LEU A 21 2.70 2.63 10.34
N LYS A 22 3.63 2.96 9.45
CA LYS A 22 3.26 3.35 8.10
C LYS A 22 2.99 2.11 7.26
N THR A 23 1.92 2.18 6.48
CA THR A 23 1.65 1.23 5.41
C THR A 23 1.28 2.01 4.16
N PRO A 24 1.49 1.43 2.97
CA PRO A 24 1.08 2.14 1.75
C PRO A 24 -0.35 2.66 1.77
N GLY A 25 -1.29 1.89 2.33
CA GLY A 25 -2.66 2.34 2.40
C GLY A 25 -2.94 3.32 3.52
N GLY A 26 -2.09 3.34 4.54
CA GLY A 26 -2.27 4.25 5.64
C GLY A 26 -1.76 3.74 6.96
N PRO A 27 -1.96 4.52 8.00
CA PRO A 27 -1.41 4.17 9.32
C PRO A 27 -2.19 3.03 9.98
N VAL A 28 -1.47 2.27 10.81
CA VAL A 28 -2.07 1.33 11.75
C VAL A 28 -1.37 1.51 13.09
N SER A 29 -2.09 1.15 14.15
CA SER A 29 -1.54 1.19 15.50
C SER A 29 -1.06 -0.21 15.88
N ALA A 30 0.20 -0.29 16.32
CA ALA A 30 0.82 -1.56 16.67
C ALA A 30 1.30 -1.52 18.11
N PHE A 31 0.97 -2.57 18.87
CA PHE A 31 1.44 -2.74 20.23
C PHE A 31 2.25 -4.03 20.25
N LEU A 32 3.56 -3.90 20.10
CA LEU A 32 4.47 -5.02 19.84
C LEU A 32 5.27 -5.35 21.09
N GLY A 33 5.21 -6.60 21.52
CA GLY A 33 5.99 -7.04 22.67
C GLY A 33 5.31 -6.77 23.99
N ILE A 34 4.04 -7.12 24.09
CA ILE A 34 3.28 -6.97 25.33
C ILE A 34 3.47 -8.23 26.15
N PRO A 35 3.95 -8.14 27.40
CA PRO A 35 4.13 -9.35 28.21
C PRO A 35 2.78 -9.90 28.65
N PHE A 36 2.57 -11.19 28.40
CA PHE A 36 1.37 -11.86 28.87
C PHE A 36 1.67 -12.98 29.86
N ALA A 37 2.93 -13.33 30.08
CA ALA A 37 3.30 -14.32 31.08
C ALA A 37 4.57 -13.86 31.78
N GLU A 38 4.75 -14.36 33.00
CA GLU A 38 6.03 -14.20 33.67
C GLU A 38 7.10 -14.99 32.91
N PRO A 39 8.32 -14.47 32.81
CA PRO A 39 9.35 -15.14 31.99
C PRO A 39 9.60 -16.56 32.47
N PRO A 40 9.43 -17.57 31.56
CA PRO A 40 9.57 -18.99 31.93
C PRO A 40 11.01 -19.47 31.93
N MET A 41 11.82 -18.90 32.82
CA MET A 41 13.23 -19.27 32.91
C MET A 41 13.58 -19.59 34.35
N GLY A 42 14.81 -20.09 34.54
CA GLY A 42 15.26 -20.55 35.82
C GLY A 42 14.38 -21.65 36.37
N PRO A 43 13.81 -21.44 37.56
CA PRO A 43 12.89 -22.43 38.13
C PRO A 43 11.63 -22.65 37.32
N ARG A 44 11.32 -21.76 36.37
CA ARG A 44 10.07 -21.85 35.62
C ARG A 44 10.24 -22.50 34.25
N ARG A 45 11.44 -22.99 33.94
CA ARG A 45 11.62 -23.79 32.74
C ARG A 45 10.75 -25.05 32.83
N PHE A 46 10.12 -25.40 31.71
CA PHE A 46 9.25 -26.58 31.58
C PHE A 46 7.92 -26.44 32.31
N LEU A 47 7.73 -25.36 33.08
CA LEU A 47 6.50 -25.23 33.84
C LEU A 47 5.42 -24.52 33.02
N PRO A 48 4.15 -24.71 33.38
CA PRO A 48 3.10 -23.95 32.70
C PRO A 48 3.31 -22.46 32.91
N PRO A 49 2.84 -21.63 31.97
CA PRO A 49 3.07 -20.19 32.09
C PRO A 49 2.24 -19.60 33.23
N GLU A 50 2.82 -18.72 33.90
CA GLU A 50 2.08 -17.96 34.89
C GLU A 50 1.67 -16.61 34.29
N PRO A 51 0.45 -16.14 34.55
CA PRO A 51 0.05 -14.85 34.00
C PRO A 51 0.93 -13.71 34.51
N LYS A 52 1.13 -12.72 33.64
CA LYS A 52 1.97 -11.58 33.96
C LYS A 52 1.38 -10.81 35.13
N GLN A 53 2.19 -10.55 36.14
CA GLN A 53 1.74 -9.79 37.30
CA GLN A 53 1.71 -9.80 37.29
C GLN A 53 1.62 -8.31 36.94
N PRO A 54 0.63 -7.60 37.47
CA PRO A 54 0.42 -6.20 37.10
C PRO A 54 1.66 -5.34 37.32
N TRP A 55 1.76 -4.28 36.53
CA TRP A 55 2.90 -3.37 36.57
C TRP A 55 2.40 -1.93 36.74
N SER A 56 3.27 -1.09 37.28
CA SER A 56 3.03 0.34 37.35
C SER A 56 3.77 1.04 36.23
N GLY A 57 3.38 2.29 35.98
CA GLY A 57 3.96 3.02 34.86
C GLY A 57 3.47 2.48 33.53
N VAL A 58 4.16 2.89 32.48
CA VAL A 58 3.79 2.55 31.11
C VAL A 58 4.84 1.59 30.54
N VAL A 59 4.36 0.49 29.96
CA VAL A 59 5.23 -0.45 29.26
C VAL A 59 5.23 -0.10 27.78
N ASP A 60 6.43 0.12 27.23
CA ASP A 60 6.57 0.45 25.81
C ASP A 60 6.42 -0.83 25.00
N ALA A 61 5.29 -0.97 24.32
CA ALA A 61 5.10 -2.06 23.35
C ALA A 61 5.38 -1.52 21.95
N THR A 62 6.67 -1.27 21.70
CA THR A 62 7.11 -0.55 20.51
C THR A 62 7.97 -1.36 19.56
N THR A 63 8.29 -2.61 19.88
CA THR A 63 9.08 -3.44 18.99
C THR A 63 8.93 -4.89 19.39
N PHE A 64 9.19 -5.78 18.45
CA PHE A 64 9.10 -7.21 18.72
C PHE A 64 10.08 -7.62 19.80
N GLN A 65 9.65 -8.54 20.65
CA GLN A 65 10.50 -9.07 21.71
C GLN A 65 11.25 -10.30 21.20
N SER A 66 12.07 -10.88 22.08
CA SER A 66 12.98 -11.96 21.72
C SER A 66 12.23 -13.16 21.15
N VAL A 67 12.94 -13.90 20.31
CA VAL A 67 12.46 -15.19 19.82
C VAL A 67 12.68 -16.24 20.89
N CYS A 68 11.69 -17.10 21.10
CA CYS A 68 11.85 -18.19 22.05
C CYS A 68 13.01 -19.08 21.62
N TYR A 69 13.81 -19.51 22.61
CA TYR A 69 15.04 -20.22 22.32
C TYR A 69 14.77 -21.44 21.44
N GLN A 70 15.56 -21.58 20.38
CA GLN A 70 15.26 -22.57 19.36
C GLN A 70 16.47 -22.79 18.48
N TYR A 71 16.44 -23.93 17.78
CA TYR A 71 17.43 -24.26 16.76
C TYR A 71 17.42 -23.23 15.64
N VAL A 72 18.61 -22.94 15.12
CA VAL A 72 18.76 -22.05 13.96
C VAL A 72 19.19 -22.92 12.78
N ASP A 73 18.44 -22.84 11.69
CA ASP A 73 18.68 -23.70 10.54
C ASP A 73 19.97 -23.33 9.83
N THR A 74 20.76 -24.35 9.46
CA THR A 74 22.10 -24.14 8.93
C THR A 74 22.35 -24.80 7.58
N LEU A 75 21.33 -25.41 6.95
CA LEU A 75 21.59 -26.23 5.77
C LEU A 75 22.02 -25.38 4.58
N TYR A 76 21.33 -24.26 4.33
CA TYR A 76 21.69 -23.33 3.26
C TYR A 76 21.96 -21.97 3.88
N PRO A 77 23.16 -21.75 4.41
CA PRO A 77 23.45 -20.49 5.13
C PRO A 77 23.38 -19.28 4.21
N GLY A 78 22.64 -18.27 4.66
CA GLY A 78 22.45 -17.05 3.89
C GLY A 78 21.39 -17.13 2.82
N PHE A 79 20.86 -18.32 2.53
CA PHE A 79 19.85 -18.48 1.49
C PHE A 79 18.53 -17.90 1.96
N GLU A 80 17.94 -17.04 1.12
CA GLU A 80 16.73 -16.32 1.50
C GLU A 80 15.58 -17.28 1.80
N GLY A 81 15.51 -18.39 1.07
CA GLY A 81 14.41 -19.33 1.26
C GLY A 81 14.37 -19.98 2.64
N THR A 82 15.53 -20.10 3.28
CA THR A 82 15.59 -20.65 4.63
C THR A 82 15.77 -19.58 5.70
N GLU A 83 16.48 -18.50 5.41
CA GLU A 83 16.72 -17.48 6.43
C GLU A 83 15.42 -16.76 6.81
N MET A 84 14.43 -16.74 5.91
CA MET A 84 13.17 -16.07 6.21
C MET A 84 12.43 -16.72 7.37
N TRP A 85 12.76 -17.96 7.71
CA TRP A 85 12.14 -18.66 8.83
C TRP A 85 12.99 -18.65 10.09
N ASN A 86 14.24 -18.19 10.00
CA ASN A 86 15.14 -18.20 11.14
C ASN A 86 14.85 -17.02 12.07
N PRO A 87 15.31 -17.10 13.33
CA PRO A 87 15.08 -16.00 14.26
C PRO A 87 15.62 -14.68 13.73
N ASN A 88 14.78 -13.65 13.78
CA ASN A 88 15.18 -12.30 13.42
C ASN A 88 15.27 -11.38 14.64
N ARG A 89 15.17 -11.95 15.84
CA ARG A 89 15.46 -11.27 17.09
C ARG A 89 16.38 -12.16 17.91
N GLU A 90 16.87 -11.62 19.02
CA GLU A 90 17.77 -12.38 19.87
CA GLU A 90 17.76 -12.36 19.90
C GLU A 90 17.02 -13.56 20.50
N LEU A 91 17.75 -14.66 20.69
CA LEU A 91 17.17 -15.83 21.31
C LEU A 91 17.15 -15.66 22.83
N SER A 92 16.03 -16.04 23.43
CA SER A 92 15.90 -15.94 24.89
C SER A 92 14.80 -16.87 25.36
N GLU A 93 14.94 -17.33 26.60
CA GLU A 93 13.83 -17.99 27.27
C GLU A 93 12.80 -17.00 27.77
N ASP A 94 13.19 -15.75 27.98
CA ASP A 94 12.27 -14.65 28.28
C ASP A 94 11.65 -14.20 26.97
N CYS A 95 10.56 -14.88 26.57
CA CYS A 95 10.02 -14.67 25.23
C CYS A 95 8.50 -14.66 25.16
N LEU A 96 7.78 -14.75 26.29
CA LEU A 96 6.32 -14.87 26.25
C LEU A 96 5.70 -13.48 26.14
N TYR A 97 5.66 -12.98 24.91
CA TYR A 97 5.11 -11.68 24.60
C TYR A 97 4.21 -11.81 23.37
N LEU A 98 3.17 -10.99 23.31
CA LEU A 98 2.26 -11.00 22.18
C LEU A 98 2.21 -9.61 21.54
N ASN A 99 1.53 -9.55 20.40
CA ASN A 99 1.47 -8.35 19.58
C ASN A 99 0.03 -8.10 19.16
N VAL A 100 -0.35 -6.83 19.06
CA VAL A 100 -1.69 -6.44 18.64
C VAL A 100 -1.59 -5.32 17.63
N TRP A 101 -2.09 -5.56 16.42
CA TRP A 101 -2.26 -4.52 15.41
C TRP A 101 -3.73 -4.10 15.38
N THR A 102 -3.97 -2.80 15.34
CA THR A 102 -5.34 -2.29 15.26
C THR A 102 -5.37 -1.10 14.31
N PRO A 103 -6.51 -0.85 13.67
CA PRO A 103 -6.59 0.26 12.71
C PRO A 103 -6.37 1.62 13.37
N TYR A 104 -6.12 2.60 12.51
CA TYR A 104 -5.89 3.99 12.92
C TYR A 104 -6.88 4.88 12.18
N PRO A 105 -7.77 5.58 12.90
CA PRO A 105 -7.95 5.57 14.36
C PRO A 105 -8.57 4.27 14.85
N ARG A 106 -8.48 4.00 16.15
CA ARG A 106 -9.03 2.76 16.69
C ARG A 106 -10.53 2.69 16.38
N PRO A 107 -11.05 1.49 16.11
CA PRO A 107 -12.45 1.38 15.65
C PRO A 107 -13.44 1.85 16.70
N THR A 108 -14.52 2.45 16.22
CA THR A 108 -15.56 2.94 17.13
C THR A 108 -16.39 1.81 17.69
N SER A 109 -16.63 0.77 16.91
CA SER A 109 -17.42 -0.38 17.30
C SER A 109 -16.55 -1.63 17.38
N PRO A 110 -16.96 -2.64 18.15
CA PRO A 110 -16.15 -3.86 18.27
C PRO A 110 -15.89 -4.51 16.91
N THR A 111 -14.63 -4.85 16.66
CA THR A 111 -14.15 -5.36 15.39
C THR A 111 -13.66 -6.81 15.55
N PRO A 112 -13.97 -7.69 14.59
CA PRO A 112 -13.52 -9.09 14.69
C PRO A 112 -12.01 -9.19 14.74
N VAL A 113 -11.52 -10.24 15.38
CA VAL A 113 -10.11 -10.38 15.74
C VAL A 113 -9.55 -11.65 15.11
N LEU A 114 -8.42 -11.51 14.42
CA LEU A 114 -7.66 -12.64 13.90
C LEU A 114 -6.45 -12.88 14.80
N VAL A 115 -6.28 -14.12 15.25
CA VAL A 115 -5.17 -14.49 16.12
C VAL A 115 -4.29 -15.49 15.37
N TRP A 116 -3.03 -15.10 15.15
CA TRP A 116 -2.09 -15.91 14.38
C TRP A 116 -1.24 -16.79 15.29
N ILE A 117 -1.03 -18.04 14.87
CA ILE A 117 -0.15 -18.97 15.57
C ILE A 117 0.84 -19.51 14.54
N TYR A 118 2.12 -19.15 14.70
CA TYR A 118 3.12 -19.54 13.73
C TYR A 118 3.42 -21.04 13.83
N GLY A 119 3.97 -21.58 12.74
CA GLY A 119 4.43 -22.95 12.71
C GLY A 119 5.95 -23.04 12.79
N GLY A 120 6.45 -24.24 12.50
CA GLY A 120 7.88 -24.50 12.59
C GLY A 120 8.16 -25.81 13.31
N GLY A 121 7.29 -26.79 13.12
CA GLY A 121 7.49 -28.12 13.66
C GLY A 121 7.52 -28.20 15.17
N PHE A 122 6.94 -27.22 15.86
CA PHE A 122 6.97 -27.10 17.32
C PHE A 122 8.38 -26.95 17.88
N TYR A 123 9.38 -26.74 17.03
CA TYR A 123 10.74 -26.50 17.48
C TYR A 123 11.27 -25.13 17.09
N SER A 124 10.54 -24.36 16.30
CA SER A 124 11.04 -23.10 15.77
C SER A 124 9.85 -22.19 15.46
N GLY A 125 10.16 -20.97 15.02
CA GLY A 125 9.17 -19.99 14.68
C GLY A 125 9.19 -18.82 15.65
N ALA A 126 8.58 -17.72 15.21
CA ALA A 126 8.47 -16.51 16.01
C ALA A 126 7.41 -15.62 15.38
N SER A 127 6.78 -14.79 16.22
CA SER A 127 5.78 -13.86 15.71
C SER A 127 6.41 -12.64 15.05
N SER A 128 7.73 -12.50 15.12
CA SER A 128 8.41 -11.32 14.60
C SER A 128 8.87 -11.47 13.15
N LEU A 129 8.75 -12.67 12.57
CA LEU A 129 9.19 -12.88 11.20
C LEU A 129 8.50 -11.89 10.26
N ASP A 130 9.23 -11.47 9.22
CA ASP A 130 8.73 -10.46 8.30
C ASP A 130 7.43 -10.92 7.62
N VAL A 131 7.32 -12.20 7.32
CA VAL A 131 6.14 -12.70 6.62
C VAL A 131 4.90 -12.72 7.49
N TYR A 132 5.02 -12.50 8.79
CA TYR A 132 3.87 -12.41 9.69
C TYR A 132 3.53 -10.98 10.07
N ASP A 133 4.10 -9.99 9.37
CA ASP A 133 3.80 -8.59 9.60
C ASP A 133 2.31 -8.32 9.41
N GLY A 134 1.62 -7.95 10.49
CA GLY A 134 0.18 -7.80 10.45
C GLY A 134 -0.33 -6.46 9.95
N ARG A 135 0.55 -5.54 9.56
CA ARG A 135 0.10 -4.18 9.25
C ARG A 135 -0.74 -4.13 7.97
N PHE A 136 -0.40 -4.97 6.99
CA PHE A 136 -1.09 -4.89 5.70
C PHE A 136 -2.50 -5.47 5.81
N LEU A 137 -2.65 -6.59 6.51
CA LEU A 137 -3.97 -7.16 6.74
C LEU A 137 -4.89 -6.19 7.46
N VAL A 138 -4.39 -5.58 8.54
CA VAL A 138 -5.25 -4.74 9.37
C VAL A 138 -5.62 -3.45 8.63
N GLN A 139 -4.68 -2.91 7.83
CA GLN A 139 -5.02 -1.70 7.07
C GLN A 139 -5.96 -2.02 5.91
N ALA A 140 -5.79 -3.18 5.26
CA ALA A 140 -6.61 -3.50 4.11
C ALA A 140 -8.04 -3.85 4.50
N GLU A 141 -8.21 -4.63 5.56
CA GLU A 141 -9.51 -5.16 5.92
C GLU A 141 -10.06 -4.63 7.24
N ARG A 142 -9.36 -3.69 7.87
CA ARG A 142 -9.78 -3.10 9.15
C ARG A 142 -10.17 -4.18 10.16
N THR A 143 -9.25 -5.10 10.37
CA THR A 143 -9.34 -6.12 11.39
C THR A 143 -8.43 -5.75 12.56
N VAL A 144 -8.64 -6.41 13.69
CA VAL A 144 -7.64 -6.45 14.75
C VAL A 144 -6.91 -7.78 14.63
N LEU A 145 -5.59 -7.72 14.59
CA LEU A 145 -4.78 -8.94 14.47
C LEU A 145 -3.88 -9.08 15.68
N VAL A 146 -3.86 -10.27 16.25
CA VAL A 146 -3.04 -10.61 17.40
C VAL A 146 -2.17 -11.80 17.04
N SER A 147 -0.92 -11.77 17.50
CA SER A 147 -0.05 -12.92 17.40
C SER A 147 0.77 -13.01 18.68
N MET A 148 1.15 -14.22 19.04
CA MET A 148 1.88 -14.46 20.27
C MET A 148 3.07 -15.38 20.04
N ASN A 149 4.08 -15.24 20.89
CA ASN A 149 5.17 -16.20 20.94
C ASN A 149 4.83 -17.29 21.93
N TYR A 150 5.25 -18.52 21.62
CA TYR A 150 5.08 -19.65 22.52
C TYR A 150 6.36 -20.46 22.49
N ARG A 151 6.66 -21.09 23.62
CA ARG A 151 7.89 -21.88 23.73
C ARG A 151 7.86 -23.05 22.77
N VAL A 152 9.03 -23.39 22.23
CA VAL A 152 9.18 -24.44 21.25
C VAL A 152 10.28 -25.40 21.73
N GLY A 153 10.41 -26.52 21.02
CA GLY A 153 11.41 -27.49 21.35
C GLY A 153 11.20 -28.07 22.74
N ALA A 154 12.31 -28.46 23.38
CA ALA A 154 12.24 -29.00 24.73
C ALA A 154 11.60 -28.01 25.69
N PHE A 155 11.84 -26.70 25.50
CA PHE A 155 11.32 -25.71 26.42
C PHE A 155 9.81 -25.64 26.40
N GLY A 156 9.18 -26.03 25.30
CA GLY A 156 7.74 -25.94 25.21
C GLY A 156 7.04 -27.28 25.30
N PHE A 157 7.77 -28.38 25.03
CA PHE A 157 7.09 -29.65 24.84
C PHE A 157 7.87 -30.86 25.38
N LEU A 158 8.99 -30.66 26.07
CA LEU A 158 9.56 -31.76 26.82
C LEU A 158 8.57 -32.19 27.90
N ALA A 159 8.33 -33.49 27.99
CA ALA A 159 7.31 -33.99 28.89
C ALA A 159 7.83 -35.22 29.61
N LEU A 160 7.66 -35.22 30.94
CA LEU A 160 7.74 -36.45 31.73
C LEU A 160 6.35 -36.65 32.30
N PRO A 161 5.46 -37.32 31.57
CA PRO A 161 4.03 -37.32 31.92
C PRO A 161 3.80 -37.87 33.33
N GLY A 162 2.82 -37.27 34.01
CA GLY A 162 2.56 -37.55 35.39
C GLY A 162 3.35 -36.68 36.36
N SER A 163 4.50 -36.19 35.92
CA SER A 163 5.29 -35.30 36.76
C SER A 163 4.74 -33.88 36.69
N ARG A 164 5.04 -33.12 37.73
CA ARG A 164 4.61 -31.74 37.80
C ARG A 164 5.69 -30.75 37.36
N GLU A 165 6.96 -31.15 37.45
CA GLU A 165 8.05 -30.30 37.05
C GLU A 165 8.19 -30.18 35.53
N ALA A 166 7.65 -31.15 34.78
CA ALA A 166 7.66 -31.11 33.32
C ALA A 166 6.41 -31.82 32.80
N PRO A 167 5.24 -31.19 32.94
CA PRO A 167 3.99 -31.89 32.59
C PRO A 167 3.77 -32.02 31.09
N GLY A 168 4.48 -31.25 30.27
CA GLY A 168 4.30 -31.30 28.84
C GLY A 168 3.24 -30.33 28.36
N ASN A 169 3.29 -30.05 27.05
CA ASN A 169 2.34 -29.19 26.35
C ASN A 169 2.34 -27.75 26.89
N VAL A 170 3.41 -27.32 27.57
CA VAL A 170 3.41 -25.97 28.12
C VAL A 170 3.44 -24.94 27.00
N GLY A 171 4.00 -25.30 25.83
CA GLY A 171 3.94 -24.40 24.69
C GLY A 171 2.52 -24.16 24.21
N LEU A 172 1.65 -25.17 24.36
CA LEU A 172 0.24 -24.98 24.04
C LEU A 172 -0.44 -24.13 25.10
N LEU A 173 -0.03 -24.27 26.36
CA LEU A 173 -0.63 -23.46 27.42
C LEU A 173 -0.21 -22.00 27.32
N ASP A 174 0.97 -21.71 26.75
CA ASP A 174 1.31 -20.33 26.44
C ASP A 174 0.32 -19.75 25.41
N GLN A 175 0.04 -20.53 24.36
CA GLN A 175 -0.97 -20.11 23.40
C GLN A 175 -2.32 -19.89 24.07
N ARG A 176 -2.73 -20.83 24.94
CA ARG A 176 -4.01 -20.69 25.63
C ARG A 176 -4.04 -19.43 26.49
N LEU A 177 -2.96 -19.14 27.20
CA LEU A 177 -2.93 -17.95 28.04
C LEU A 177 -3.03 -16.68 27.20
N ALA A 178 -2.39 -16.66 26.03
CA ALA A 178 -2.52 -15.52 25.13
C ALA A 178 -3.97 -15.37 24.67
N LEU A 179 -4.64 -16.49 24.38
CA LEU A 179 -6.05 -16.42 24.01
C LEU A 179 -6.91 -15.90 25.15
N GLN A 180 -6.60 -16.32 26.38
CA GLN A 180 -7.28 -15.75 27.54
C GLN A 180 -7.01 -14.26 27.67
N TRP A 181 -5.77 -13.85 27.38
CA TRP A 181 -5.44 -12.42 27.39
C TRP A 181 -6.29 -11.66 26.37
N VAL A 182 -6.49 -12.25 25.19
CA VAL A 182 -7.30 -11.60 24.16
C VAL A 182 -8.73 -11.41 24.64
N GLN A 183 -9.29 -12.42 25.30
CA GLN A 183 -10.66 -12.31 25.78
C GLN A 183 -10.80 -11.20 26.82
N GLU A 184 -9.78 -11.00 27.65
CA GLU A 184 -9.88 -10.03 28.73
C GLU A 184 -9.50 -8.61 28.28
N ASN A 185 -8.69 -8.47 27.24
CA ASN A 185 -8.10 -7.17 26.93
C ASN A 185 -8.28 -6.68 25.50
N VAL A 186 -8.70 -7.52 24.55
CA VAL A 186 -8.73 -7.08 23.16
C VAL A 186 -9.76 -5.96 22.96
N ALA A 187 -10.78 -5.88 23.82
CA ALA A 187 -11.77 -4.82 23.69
C ALA A 187 -11.16 -3.45 23.92
N ALA A 188 -10.07 -3.37 24.69
CA ALA A 188 -9.40 -2.10 24.93
C ALA A 188 -8.70 -1.58 23.68
N PHE A 189 -8.43 -2.45 22.70
CA PHE A 189 -7.88 -2.04 21.42
C PHE A 189 -8.96 -1.90 20.34
N GLY A 190 -10.23 -1.99 20.72
CA GLY A 190 -11.32 -1.95 19.77
C GLY A 190 -11.72 -3.29 19.19
N GLY A 191 -11.21 -4.39 19.74
CA GLY A 191 -11.51 -5.70 19.22
C GLY A 191 -12.73 -6.33 19.88
N ASP A 192 -13.39 -7.22 19.15
CA ASP A 192 -14.58 -7.90 19.63
C ASP A 192 -14.18 -9.26 20.20
N PRO A 193 -14.29 -9.48 21.51
CA PRO A 193 -13.95 -10.80 22.05
C PRO A 193 -14.99 -11.87 21.76
N THR A 194 -16.16 -11.52 21.23
CA THR A 194 -17.16 -12.49 20.81
C THR A 194 -17.02 -12.88 19.34
N SER A 195 -15.94 -12.44 18.68
CA SER A 195 -15.68 -12.76 17.27
C SER A 195 -14.16 -12.88 17.12
N VAL A 196 -13.64 -14.05 17.48
CA VAL A 196 -12.20 -14.32 17.46
C VAL A 196 -11.96 -15.51 16.55
N THR A 197 -11.12 -15.31 15.55
CA THR A 197 -10.79 -16.35 14.56
C THR A 197 -9.32 -16.72 14.71
N LEU A 198 -9.06 -17.97 15.10
CA LEU A 198 -7.71 -18.49 15.11
C LEU A 198 -7.29 -18.87 13.71
N PHE A 199 -6.07 -18.50 13.33
CA PHE A 199 -5.50 -19.05 12.12
C PHE A 199 -4.00 -19.25 12.29
N GLY A 200 -3.50 -20.33 11.70
CA GLY A 200 -2.12 -20.74 11.83
C GLY A 200 -1.75 -21.67 10.69
N GLU A 201 -0.46 -21.86 10.53
CA GLU A 201 0.07 -22.66 9.44
C GLU A 201 1.03 -23.70 9.98
N SER A 202 0.97 -24.91 9.40
CA SER A 202 1.85 -26.03 9.75
C SER A 202 1.62 -26.38 11.21
N ALA A 203 2.65 -26.36 12.07
CA ALA A 203 2.45 -26.64 13.49
C ALA A 203 1.50 -25.64 14.13
N GLY A 204 1.43 -24.43 13.58
CA GLY A 204 0.42 -23.48 14.04
C GLY A 204 -0.99 -23.96 13.72
N ALA A 205 -1.18 -24.50 12.52
CA ALA A 205 -2.48 -25.07 12.17
C ALA A 205 -2.81 -26.27 13.06
N ALA A 206 -1.81 -27.13 13.30
CA ALA A 206 -2.00 -28.22 14.24
C ALA A 206 -2.36 -27.70 15.63
N SER A 207 -1.74 -26.59 16.04
CA SER A 207 -2.08 -25.98 17.32
C SER A 207 -3.54 -25.52 17.33
N VAL A 208 -3.96 -24.81 16.27
CA VAL A 208 -5.36 -24.39 16.16
C VAL A 208 -6.29 -25.58 16.33
N GLY A 209 -5.96 -26.70 15.68
CA GLY A 209 -6.83 -27.86 15.78
C GLY A 209 -6.90 -28.44 17.17
N MET A 210 -5.79 -28.37 17.92
CA MET A 210 -5.80 -28.90 19.28
C MET A 210 -6.61 -28.00 20.21
N HIS A 211 -6.62 -26.69 19.97
CA HIS A 211 -7.49 -25.81 20.73
C HIS A 211 -8.96 -26.09 20.45
N LEU A 212 -9.28 -26.46 19.21
CA LEU A 212 -10.63 -26.90 18.88
C LEU A 212 -11.02 -28.12 19.68
N LEU A 213 -10.05 -29.02 19.92
CA LEU A 213 -10.29 -30.30 20.56
C LEU A 213 -10.14 -30.26 22.08
N SER A 214 -9.71 -29.13 22.63
CA SER A 214 -9.52 -29.00 24.07
C SER A 214 -10.56 -28.04 24.64
N PRO A 215 -11.51 -28.53 25.41
CA PRO A 215 -12.65 -27.70 25.86
C PRO A 215 -12.23 -26.40 26.53
N PRO A 216 -11.19 -26.41 27.40
CA PRO A 216 -10.79 -25.13 28.01
C PRO A 216 -10.33 -24.08 27.02
N SER A 217 -9.87 -24.48 25.84
CA SER A 217 -9.51 -23.54 24.79
C SER A 217 -10.69 -23.17 23.90
N ARG A 218 -11.60 -24.12 23.67
CA ARG A 218 -12.67 -23.92 22.69
C ARG A 218 -13.53 -22.70 23.02
N GLY A 219 -13.69 -22.39 24.30
CA GLY A 219 -14.50 -21.25 24.68
C GLY A 219 -13.89 -19.89 24.43
N LEU A 220 -12.65 -19.83 23.93
CA LEU A 220 -11.96 -18.56 23.74
C LEU A 220 -11.85 -18.12 22.29
N PHE A 221 -12.47 -18.85 21.36
CA PHE A 221 -12.51 -18.44 19.97
C PHE A 221 -13.76 -19.02 19.33
N HIS A 222 -14.02 -18.58 18.10
CA HIS A 222 -15.28 -18.91 17.43
C HIS A 222 -15.10 -19.46 16.02
N ARG A 223 -13.99 -19.19 15.34
CA ARG A 223 -13.72 -19.75 14.03
C ARG A 223 -12.26 -20.15 13.96
N ALA A 224 -11.95 -21.08 13.05
CA ALA A 224 -10.62 -21.62 12.92
C ALA A 224 -10.21 -21.65 11.46
N VAL A 225 -8.92 -21.39 11.22
CA VAL A 225 -8.31 -21.54 9.90
C VAL A 225 -7.05 -22.37 10.07
N LEU A 226 -6.99 -23.50 9.38
CA LEU A 226 -5.86 -24.42 9.46
C LEU A 226 -5.20 -24.48 8.09
N GLN A 227 -4.00 -23.93 7.99
CA GLN A 227 -3.26 -23.86 6.73
C GLN A 227 -2.14 -24.89 6.76
N SER A 228 -2.22 -25.89 5.87
CA SER A 228 -1.14 -26.86 5.67
C SER A 228 -0.76 -27.56 6.97
N GLY A 229 -1.75 -27.91 7.78
CA GLY A 229 -1.49 -28.56 9.04
C GLY A 229 -2.77 -29.03 9.69
N ALA A 230 -2.64 -30.02 10.55
CA ALA A 230 -3.78 -30.62 11.24
C ALA A 230 -3.29 -31.27 12.52
N PRO A 231 -4.11 -31.32 13.57
CA PRO A 231 -3.66 -31.93 14.83
C PRO A 231 -3.51 -33.43 14.75
N ASN A 232 -4.13 -34.08 13.76
CA ASN A 232 -4.06 -35.53 13.62
C ASN A 232 -2.92 -35.99 12.72
N GLY A 233 -2.01 -35.09 12.34
CA GLY A 233 -0.86 -35.45 11.55
C GLY A 233 0.08 -36.35 12.33
N PRO A 234 0.73 -37.29 11.62
CA PRO A 234 1.61 -38.25 12.31
C PRO A 234 2.83 -37.61 12.95
N TRP A 235 3.05 -36.31 12.77
CA TRP A 235 4.17 -35.59 13.35
C TRP A 235 3.76 -34.69 14.51
N ALA A 236 2.46 -34.50 14.74
CA ALA A 236 1.98 -33.42 15.60
C ALA A 236 1.79 -33.84 17.06
N THR A 237 1.72 -35.13 17.35
CA THR A 237 1.62 -35.59 18.73
C THR A 237 2.52 -36.80 18.94
N VAL A 238 2.79 -37.10 20.21
CA VAL A 238 3.44 -38.33 20.60
C VAL A 238 2.66 -38.92 21.77
N GLY A 239 2.83 -40.22 21.98
CA GLY A 239 2.30 -40.87 23.15
C GLY A 239 3.10 -40.52 24.39
N MET A 240 2.52 -40.85 25.55
CA MET A 240 3.17 -40.52 26.82
C MET A 240 4.51 -41.25 26.96
N GLY A 241 4.57 -42.51 26.53
CA GLY A 241 5.78 -43.29 26.75
C GLY A 241 6.94 -42.86 25.88
N GLU A 242 6.67 -42.55 24.61
CA GLU A 242 7.74 -42.06 23.74
C GLU A 242 8.14 -40.64 24.09
N ALA A 243 7.20 -39.83 24.58
CA ALA A 243 7.54 -38.51 25.09
C ALA A 243 8.52 -38.62 26.25
N ARG A 244 8.26 -39.54 27.18
CA ARG A 244 9.17 -39.73 28.30
C ARG A 244 10.50 -40.32 27.83
N ARG A 245 10.46 -41.27 26.90
CA ARG A 245 11.70 -41.86 26.39
C ARG A 245 12.61 -40.78 25.82
N ARG A 246 12.05 -39.81 25.09
CA ARG A 246 12.87 -38.77 24.48
C ARG A 246 13.36 -37.77 25.52
N ALA A 247 12.48 -37.38 26.46
CA ALA A 247 12.90 -36.47 27.52
C ALA A 247 14.01 -37.09 28.35
N THR A 248 13.88 -38.37 28.70
CA THR A 248 14.91 -39.06 29.46
C THR A 248 16.20 -39.18 28.66
N GLN A 249 16.09 -39.52 27.37
CA GLN A 249 17.27 -39.62 26.52
C GLN A 249 17.97 -38.27 26.40
N LEU A 250 17.21 -37.20 26.25
CA LEU A 250 17.81 -35.87 26.18
C LEU A 250 18.56 -35.54 27.47
N ALA A 251 17.92 -35.78 28.62
CA ALA A 251 18.58 -35.51 29.89
C ALA A 251 19.82 -36.37 30.06
N HIS A 252 19.79 -37.60 29.54
CA HIS A 252 20.95 -38.48 29.65
C HIS A 252 22.13 -37.93 28.84
N LEU A 253 21.88 -37.41 27.64
CA LEU A 253 22.98 -36.97 26.80
C LEU A 253 23.60 -35.66 27.27
N VAL A 254 22.90 -34.90 28.12
CA VAL A 254 23.46 -33.68 28.70
C VAL A 254 23.89 -33.89 30.15
N GLY A 255 23.79 -35.11 30.67
CA GLY A 255 24.33 -35.44 31.97
C GLY A 255 23.35 -35.38 33.13
N CYS A 256 22.11 -35.81 32.92
CA CYS A 256 21.09 -35.73 33.96
C CYS A 256 20.30 -37.01 34.15
N PRO A 257 20.29 -37.54 35.38
CA PRO A 257 21.22 -37.19 36.46
C PRO A 257 22.59 -37.83 36.24
N PRO A 258 23.58 -37.50 37.09
CA PRO A 258 24.89 -38.14 36.98
C PRO A 258 24.90 -39.55 37.58
N GLY A 262 17.14 -42.08 34.28
CA GLY A 262 15.84 -41.71 34.76
C GLY A 262 15.85 -41.34 36.24
N GLY A 263 15.08 -42.07 37.03
CA GLY A 263 15.01 -41.83 38.46
C GLY A 263 13.92 -40.84 38.82
N ASN A 264 14.01 -40.26 40.01
CA ASN A 264 13.02 -39.29 40.48
C ASN A 264 12.79 -38.28 39.38
N ASP A 265 11.56 -37.86 39.16
CA ASP A 265 11.33 -36.91 38.07
C ASP A 265 11.75 -35.50 38.46
N THR A 266 11.54 -35.11 39.72
CA THR A 266 11.89 -33.75 40.14
C THR A 266 13.40 -33.54 40.13
N GLU A 267 14.17 -34.58 40.52
CA GLU A 267 15.62 -34.45 40.48
C GLU A 267 16.13 -34.32 39.05
N LEU A 268 15.55 -35.09 38.12
CA LEU A 268 16.02 -35.04 36.74
C LEU A 268 15.68 -33.71 36.08
N VAL A 269 14.46 -33.20 36.31
CA VAL A 269 14.10 -31.90 35.74
C VAL A 269 14.93 -30.79 36.38
N ALA A 270 15.18 -30.88 37.68
CA ALA A 270 16.01 -29.88 38.35
C ALA A 270 17.41 -29.86 37.76
N CYS A 271 17.94 -31.03 37.38
CA CYS A 271 19.23 -31.07 36.69
C CYS A 271 19.12 -30.43 35.31
N LEU A 272 18.04 -30.71 34.58
CA LEU A 272 17.85 -30.10 33.27
C LEU A 272 17.73 -28.58 33.36
N ARG A 273 17.17 -28.07 34.46
CA ARG A 273 16.99 -26.62 34.59
C ARG A 273 18.32 -25.90 34.75
N THR A 274 19.39 -26.59 35.13
CA THR A 274 20.71 -25.99 35.25
C THR A 274 21.51 -26.04 33.97
N ARG A 275 20.96 -26.59 32.90
CA ARG A 275 21.76 -26.65 31.68
C ARG A 275 21.54 -25.39 30.85
N PRO A 276 22.61 -24.88 30.22
CA PRO A 276 22.43 -23.75 29.29
C PRO A 276 21.42 -24.09 28.21
N ALA A 277 20.61 -23.11 27.85
CA ALA A 277 19.53 -23.33 26.90
C ALA A 277 20.04 -23.89 25.57
N GLN A 278 21.21 -23.41 25.12
CA GLN A 278 21.71 -23.86 23.83
C GLN A 278 22.19 -25.30 23.89
N VAL A 279 22.70 -25.76 25.04
CA VAL A 279 23.17 -27.14 25.12
C VAL A 279 22.01 -28.11 24.97
N LEU A 280 20.83 -27.74 25.48
CA LEU A 280 19.64 -28.54 25.21
C LEU A 280 19.31 -28.55 23.73
N VAL A 281 19.34 -27.37 23.09
CA VAL A 281 19.02 -27.27 21.68
C VAL A 281 19.97 -28.11 20.84
N ASN A 282 21.27 -28.08 21.18
CA ASN A 282 22.27 -28.81 20.40
C ASN A 282 22.03 -30.32 20.42
N HIS A 283 21.28 -30.84 21.40
CA HIS A 283 21.11 -32.26 21.56
C HIS A 283 19.69 -32.76 21.29
N GLU A 284 18.73 -31.87 21.06
CA GLU A 284 17.34 -32.30 21.00
C GLU A 284 17.04 -33.18 19.79
N TRP A 285 17.85 -33.11 18.74
CA TRP A 285 17.60 -33.94 17.57
C TRP A 285 18.16 -35.35 17.70
N HIS A 286 19.04 -35.59 18.68
CA HIS A 286 19.59 -36.94 18.86
C HIS A 286 18.58 -37.91 19.47
N VAL A 287 17.42 -37.42 19.93
CA VAL A 287 16.43 -38.30 20.55
C VAL A 287 15.43 -38.85 19.55
N LEU A 288 15.49 -38.42 18.28
CA LEU A 288 14.57 -38.96 17.29
C LEU A 288 14.87 -40.43 17.03
N PRO A 289 13.85 -41.29 16.99
CA PRO A 289 14.12 -42.73 16.88
C PRO A 289 14.67 -43.18 15.53
N GLN A 290 14.47 -42.43 14.44
CA GLN A 290 15.17 -42.75 13.19
C GLN A 290 15.55 -41.51 12.41
N GLU A 291 16.43 -41.75 11.44
CA GLU A 291 16.57 -40.95 10.24
C GLU A 291 15.19 -40.71 9.63
N SER A 292 14.76 -39.45 9.61
CA SER A 292 13.45 -39.14 9.06
C SER A 292 13.44 -37.71 8.53
N VAL A 293 12.39 -37.40 7.79
CA VAL A 293 12.02 -36.03 7.49
C VAL A 293 10.62 -35.82 8.03
N PHE A 294 10.29 -34.57 8.37
CA PHE A 294 8.96 -34.21 8.85
C PHE A 294 8.64 -34.90 10.17
N ARG A 295 9.65 -35.06 11.03
CA ARG A 295 9.44 -35.54 12.39
C ARG A 295 10.27 -34.68 13.34
N PHE A 296 9.69 -34.34 14.48
CA PHE A 296 10.29 -33.38 15.40
C PHE A 296 10.27 -33.94 16.82
N SER A 297 11.34 -33.67 17.56
CA SER A 297 11.61 -34.40 18.80
C SER A 297 10.56 -34.12 19.86
N PHE A 298 10.25 -32.85 20.10
CA PHE A 298 9.37 -32.47 21.21
C PHE A 298 8.14 -31.77 20.65
N VAL A 299 7.01 -32.46 20.69
CA VAL A 299 5.74 -32.02 20.12
C VAL A 299 4.68 -32.21 21.19
N PRO A 300 3.44 -31.74 21.00
CA PRO A 300 2.38 -32.02 21.98
C PRO A 300 2.28 -33.50 22.32
N VAL A 301 1.91 -33.78 23.57
CA VAL A 301 1.82 -35.13 24.10
C VAL A 301 0.36 -35.44 24.42
N VAL A 302 -0.06 -36.65 24.07
CA VAL A 302 -1.43 -37.10 24.36
C VAL A 302 -1.38 -37.74 25.75
N ASP A 303 -1.69 -36.92 26.77
CA ASP A 303 -1.55 -37.32 28.16
C ASP A 303 -2.86 -37.39 28.92
N GLY A 304 -3.98 -37.06 28.30
CA GLY A 304 -5.26 -37.05 28.98
C GLY A 304 -5.64 -35.75 29.64
N ASP A 305 -4.76 -34.74 29.59
CA ASP A 305 -5.07 -33.44 30.18
C ASP A 305 -5.51 -32.46 29.10
N PHE A 306 -4.55 -31.78 28.46
CA PHE A 306 -4.88 -30.88 27.36
C PHE A 306 -5.67 -31.62 26.27
N LEU A 307 -5.24 -32.84 25.95
CA LEU A 307 -5.94 -33.70 24.99
C LEU A 307 -6.44 -34.92 25.77
N SER A 308 -7.76 -34.98 26.01
CA SER A 308 -8.32 -36.11 26.75
C SER A 308 -8.15 -37.43 26.02
N ASP A 309 -7.95 -37.39 24.71
CA ASP A 309 -7.60 -38.58 23.94
C ASP A 309 -6.82 -38.14 22.71
N THR A 310 -6.52 -39.07 21.81
CA THR A 310 -5.81 -38.72 20.59
C THR A 310 -6.66 -37.78 19.75
N PRO A 311 -6.03 -36.91 18.95
CA PRO A 311 -6.80 -36.01 18.09
C PRO A 311 -7.79 -36.71 17.18
N GLU A 312 -7.42 -37.88 16.68
CA GLU A 312 -8.27 -38.66 15.83
C GLU A 312 -9.54 -39.04 16.56
N ALA A 313 -9.39 -39.64 17.72
CA ALA A 313 -10.52 -40.06 18.54
C ALA A 313 -11.38 -38.86 18.90
N LEU A 314 -10.76 -37.71 19.17
CA LEU A 314 -11.54 -36.52 19.52
C LEU A 314 -12.25 -35.96 18.30
N ILE A 315 -11.59 -35.96 17.15
CA ILE A 315 -12.23 -35.49 15.92
C ILE A 315 -13.44 -36.36 15.60
N ASN A 316 -13.32 -37.68 15.76
CA ASN A 316 -14.42 -38.58 15.44
C ASN A 316 -15.59 -38.42 16.39
N ALA A 317 -15.31 -38.16 17.67
CA ALA A 317 -16.34 -38.10 18.70
C ALA A 317 -16.87 -36.69 18.93
N GLY A 318 -16.48 -35.73 18.10
CA GLY A 318 -16.82 -34.34 18.34
C GLY A 318 -18.09 -33.90 17.64
N ASP A 319 -18.85 -33.05 18.32
CA ASP A 319 -19.99 -32.35 17.74
C ASP A 319 -19.56 -30.92 17.46
N PHE A 320 -19.56 -30.54 16.18
CA PHE A 320 -18.97 -29.28 15.74
C PHE A 320 -20.00 -28.31 15.17
N HIS A 321 -21.25 -28.42 15.62
CA HIS A 321 -22.26 -27.47 15.19
C HIS A 321 -21.97 -26.08 15.75
N GLY A 322 -22.29 -25.06 14.95
CA GLY A 322 -21.98 -23.69 15.29
C GLY A 322 -20.58 -23.24 14.97
N LEU A 323 -19.79 -24.08 14.31
CA LEU A 323 -18.39 -23.80 14.03
C LEU A 323 -18.16 -23.68 12.52
N GLN A 324 -17.36 -22.71 12.13
CA GLN A 324 -16.94 -22.54 10.75
C GLN A 324 -15.42 -22.72 10.68
N VAL A 325 -14.96 -23.49 9.70
CA VAL A 325 -13.54 -23.80 9.55
C VAL A 325 -13.11 -23.57 8.11
N LEU A 326 -11.92 -22.99 7.95
CA LEU A 326 -11.31 -22.77 6.65
C LEU A 326 -9.99 -23.52 6.62
N VAL A 327 -9.88 -24.52 5.74
CA VAL A 327 -8.70 -25.38 5.69
C VAL A 327 -8.15 -25.40 4.27
N GLY A 328 -6.87 -25.74 4.16
CA GLY A 328 -6.26 -25.81 2.84
C GLY A 328 -4.82 -26.25 2.90
N VAL A 329 -4.25 -26.42 1.71
CA VAL A 329 -2.90 -26.90 1.52
C VAL A 329 -2.28 -26.14 0.34
N VAL A 330 -0.96 -26.22 0.23
CA VAL A 330 -0.28 -25.71 -0.96
C VAL A 330 -0.18 -26.84 -1.97
N LYS A 331 0.17 -26.52 -3.20
CA LYS A 331 0.24 -27.49 -4.26
C LYS A 331 1.28 -28.58 -4.13
N ASP A 332 2.41 -28.26 -3.54
CA ASP A 332 3.51 -29.21 -3.38
C ASP A 332 3.93 -29.23 -1.92
N GLU A 333 3.11 -29.88 -1.08
CA GLU A 333 3.35 -29.86 0.36
C GLU A 333 4.65 -30.56 0.74
N GLY A 334 5.09 -31.54 -0.04
CA GLY A 334 6.18 -32.40 0.38
C GLY A 334 7.59 -31.98 -0.01
N SER A 335 7.72 -31.15 -1.04
CA SER A 335 9.04 -30.90 -1.63
C SER A 335 9.99 -30.23 -0.64
N TYR A 336 9.48 -29.29 0.17
CA TYR A 336 10.33 -28.54 1.08
C TYR A 336 11.10 -29.46 2.02
N PHE A 337 10.49 -30.56 2.43
CA PHE A 337 11.09 -31.43 3.44
C PHE A 337 12.08 -32.42 2.86
N LEU A 338 12.04 -32.66 1.55
CA LEU A 338 12.91 -33.68 0.95
C LEU A 338 14.38 -33.26 0.99
N VAL A 339 14.67 -31.96 0.90
CA VAL A 339 16.06 -31.52 0.91
C VAL A 339 16.69 -31.58 2.30
N TYR A 340 15.93 -31.96 3.32
CA TYR A 340 16.45 -32.09 4.67
C TYR A 340 16.66 -33.56 5.08
N GLY A 341 17.03 -34.42 4.14
CA GLY A 341 17.37 -35.77 4.52
C GLY A 341 17.06 -36.88 3.53
N ALA A 342 16.22 -36.61 2.54
CA ALA A 342 15.89 -37.63 1.56
C ALA A 342 17.07 -37.85 0.62
N PRO A 343 17.53 -39.09 0.44
CA PRO A 343 18.73 -39.31 -0.39
C PRO A 343 18.53 -38.84 -1.83
N GLY A 344 19.50 -38.06 -2.31
CA GLY A 344 19.51 -37.59 -3.67
C GLY A 344 18.88 -36.24 -3.91
N PHE A 345 18.39 -35.57 -2.87
CA PHE A 345 17.66 -34.32 -3.02
C PHE A 345 18.53 -33.13 -2.64
N SER A 346 18.36 -32.04 -3.38
CA SER A 346 19.05 -30.79 -3.13
C SER A 346 18.28 -29.67 -3.81
N LYS A 347 18.39 -28.47 -3.25
CA LYS A 347 17.82 -27.32 -3.93
C LYS A 347 18.68 -26.88 -5.11
N ASP A 348 19.93 -27.33 -5.19
CA ASP A 348 20.89 -26.83 -6.16
C ASP A 348 21.04 -27.72 -7.39
N ASN A 349 20.42 -28.90 -7.42
CA ASN A 349 20.26 -29.60 -8.68
C ASN A 349 18.79 -29.99 -8.87
N GLU A 350 18.48 -30.79 -9.89
CA GLU A 350 17.11 -31.14 -10.22
CA GLU A 350 17.09 -31.11 -10.20
C GLU A 350 16.57 -32.28 -9.38
N SER A 351 17.41 -32.93 -8.58
CA SER A 351 16.98 -34.02 -7.68
C SER A 351 16.26 -35.13 -8.43
N LEU A 352 16.80 -35.53 -9.58
CA LEU A 352 16.20 -36.62 -10.35
C LEU A 352 16.75 -37.94 -9.81
N ILE A 353 16.05 -38.48 -8.83
CA ILE A 353 16.56 -39.59 -8.03
C ILE A 353 16.38 -40.91 -8.77
N SER A 354 17.12 -41.92 -8.32
CA SER A 354 17.02 -43.27 -8.84
C SER A 354 15.94 -44.05 -8.12
N ARG A 355 15.65 -45.24 -8.64
CA ARG A 355 14.70 -46.13 -7.98
C ARG A 355 15.13 -46.47 -6.56
N ALA A 356 16.42 -46.80 -6.39
CA ALA A 356 16.93 -47.15 -5.07
C ALA A 356 16.83 -45.97 -4.11
N GLU A 357 17.11 -44.76 -4.60
CA GLU A 357 16.98 -43.58 -3.74
C GLU A 357 15.52 -43.33 -3.37
N PHE A 358 14.60 -43.63 -4.29
CA PHE A 358 13.17 -43.50 -4.00
C PHE A 358 12.75 -44.46 -2.89
N LEU A 359 13.13 -45.73 -3.02
CA LEU A 359 12.77 -46.72 -2.00
C LEU A 359 13.39 -46.36 -0.65
N ALA A 360 14.64 -45.90 -0.66
CA ALA A 360 15.26 -45.46 0.58
C ALA A 360 14.57 -44.22 1.13
N GLY A 361 14.10 -43.33 0.25
CA GLY A 361 13.40 -42.15 0.69
C GLY A 361 12.05 -42.43 1.30
N VAL A 362 11.39 -43.51 0.86
CA VAL A 362 10.10 -43.89 1.45
C VAL A 362 10.28 -44.20 2.93
N ARG A 363 11.40 -44.83 3.30
CA ARG A 363 11.60 -45.21 4.70
C ARG A 363 11.86 -44.00 5.58
N VAL A 364 12.47 -42.94 5.05
CA VAL A 364 12.70 -41.74 5.85
C VAL A 364 11.49 -40.81 5.80
N GLY A 365 10.69 -40.87 4.74
CA GLY A 365 9.47 -40.10 4.67
C GLY A 365 8.31 -40.72 5.43
N VAL A 366 8.34 -42.04 5.60
CA VAL A 366 7.32 -42.75 6.38
C VAL A 366 8.03 -43.58 7.44
N PRO A 367 8.54 -42.97 8.51
CA PRO A 367 9.33 -43.73 9.49
C PRO A 367 8.44 -44.48 10.49
N GLN A 368 9.05 -45.48 11.12
CA GLN A 368 8.40 -46.31 12.14
C GLN A 368 7.19 -47.07 11.61
N VAL A 369 7.25 -47.52 10.35
CA VAL A 369 6.21 -48.39 9.83
C VAL A 369 6.84 -49.74 9.49
N SER A 370 6.02 -50.78 9.52
CA SER A 370 6.50 -52.11 9.20
C SER A 370 6.97 -52.18 7.76
N ASP A 371 7.79 -53.20 7.47
CA ASP A 371 8.26 -53.40 6.10
C ASP A 371 7.09 -53.59 5.15
N LEU A 372 6.04 -54.28 5.60
CA LEU A 372 4.85 -54.46 4.78
C LEU A 372 4.14 -53.13 4.56
N ALA A 373 4.11 -52.26 5.57
CA ALA A 373 3.51 -50.95 5.40
C ALA A 373 4.26 -50.14 4.34
N ALA A 374 5.59 -50.20 4.37
CA ALA A 374 6.39 -49.51 3.37
C ALA A 374 6.15 -50.08 1.98
N GLU A 375 5.96 -51.40 1.89
CA GLU A 375 5.65 -52.02 0.60
C GLU A 375 4.35 -51.48 0.04
N ALA A 376 3.35 -51.29 0.90
CA ALA A 376 2.08 -50.73 0.45
C ALA A 376 2.27 -49.31 -0.08
N VAL A 377 3.12 -48.52 0.57
CA VAL A 377 3.41 -47.16 0.08
C VAL A 377 4.06 -47.23 -1.29
N VAL A 378 5.04 -48.12 -1.45
CA VAL A 378 5.74 -48.25 -2.73
C VAL A 378 4.78 -48.66 -3.83
N LEU A 379 3.83 -49.54 -3.52
CA LEU A 379 2.88 -50.00 -4.53
C LEU A 379 2.00 -48.86 -5.02
N HIS A 380 1.51 -48.03 -4.09
CA HIS A 380 0.55 -46.99 -4.46
C HIS A 380 1.21 -45.84 -5.23
N TYR A 381 2.46 -45.54 -4.94
CA TYR A 381 3.12 -44.37 -5.53
C TYR A 381 4.08 -44.75 -6.64
N THR A 382 4.14 -46.02 -7.01
CA THR A 382 4.90 -46.46 -8.17
C THR A 382 4.00 -46.46 -9.40
N ASP A 383 4.46 -45.85 -10.49
CA ASP A 383 3.85 -46.03 -11.80
C ASP A 383 4.50 -47.25 -12.42
N TRP A 384 3.77 -48.36 -12.48
CA TRP A 384 4.35 -49.62 -12.90
C TRP A 384 4.54 -49.74 -14.39
N LEU A 385 4.13 -48.74 -15.17
CA LEU A 385 4.56 -48.62 -16.55
C LEU A 385 5.83 -47.78 -16.70
N HIS A 386 6.21 -47.04 -15.67
CA HIS A 386 7.46 -46.28 -15.65
C HIS A 386 8.08 -46.39 -14.26
N PRO A 387 8.45 -47.60 -13.83
CA PRO A 387 8.85 -47.80 -12.44
C PRO A 387 10.16 -47.12 -12.07
N GLU A 388 10.96 -46.65 -13.04
CA GLU A 388 12.27 -46.11 -12.74
C GLU A 388 12.51 -44.74 -13.38
N ASP A 389 11.45 -44.05 -13.80
CA ASP A 389 11.61 -42.72 -14.40
C ASP A 389 12.02 -41.73 -13.32
N PRO A 390 13.20 -41.11 -13.42
CA PRO A 390 13.68 -40.24 -12.32
C PRO A 390 12.72 -39.11 -11.98
N ALA A 391 12.21 -38.39 -12.98
CA ALA A 391 11.32 -37.27 -12.70
C ALA A 391 10.04 -37.74 -12.01
N ARG A 392 9.49 -38.88 -12.46
CA ARG A 392 8.29 -39.42 -11.82
C ARG A 392 8.58 -39.83 -10.38
N LEU A 393 9.74 -40.44 -10.13
CA LEU A 393 10.10 -40.84 -8.77
C LEU A 393 10.22 -39.62 -7.86
N ARG A 394 10.80 -38.53 -8.38
CA ARG A 394 10.94 -37.31 -7.58
C ARG A 394 9.57 -36.78 -7.17
N GLU A 395 8.66 -36.62 -8.12
CA GLU A 395 7.32 -36.12 -7.80
C GLU A 395 6.58 -37.11 -6.91
N ALA A 396 6.85 -38.41 -7.06
CA ALA A 396 6.14 -39.41 -6.26
C ALA A 396 6.56 -39.34 -4.79
N LEU A 397 7.86 -39.20 -4.53
CA LEU A 397 8.30 -39.08 -3.14
C LEU A 397 7.78 -37.80 -2.51
N SER A 398 7.76 -36.70 -3.27
CA SER A 398 7.13 -35.47 -2.78
C SER A 398 5.67 -35.70 -2.45
N ASP A 399 4.96 -36.46 -3.27
CA ASP A 399 3.58 -36.81 -2.96
C ASP A 399 3.49 -37.64 -1.69
N VAL A 400 4.36 -38.64 -1.56
CA VAL A 400 4.36 -39.49 -0.36
C VAL A 400 4.47 -38.64 0.89
N VAL A 401 5.52 -37.82 0.97
CA VAL A 401 5.77 -37.02 2.16
C VAL A 401 4.64 -36.03 2.39
N GLY A 402 4.18 -35.38 1.32
CA GLY A 402 3.13 -34.37 1.47
C GLY A 402 1.78 -34.97 1.82
N ASP A 403 1.41 -36.07 1.16
CA ASP A 403 0.14 -36.72 1.46
C ASP A 403 0.11 -37.25 2.88
N HIS A 404 1.17 -37.95 3.28
CA HIS A 404 1.22 -38.60 4.59
C HIS A 404 1.16 -37.58 5.71
N ASN A 405 1.83 -36.44 5.56
CA ASN A 405 2.02 -35.51 6.65
C ASN A 405 1.05 -34.33 6.64
N VAL A 406 0.55 -33.92 5.48
CA VAL A 406 -0.27 -32.71 5.42
C VAL A 406 -1.62 -32.97 4.77
N VAL A 407 -1.62 -33.32 3.47
CA VAL A 407 -2.85 -33.27 2.68
C VAL A 407 -3.89 -34.24 3.24
N CYS A 408 -3.46 -35.47 3.54
CA CYS A 408 -4.45 -36.45 3.98
C CYS A 408 -4.90 -36.22 5.42
N PRO A 409 -4.01 -35.82 6.35
CA PRO A 409 -4.53 -35.38 7.67
C PRO A 409 -5.52 -34.24 7.59
N VAL A 410 -5.25 -33.22 6.75
CA VAL A 410 -6.20 -32.12 6.60
C VAL A 410 -7.51 -32.62 6.02
N ALA A 411 -7.45 -33.54 5.05
CA ALA A 411 -8.67 -34.03 4.41
C ALA A 411 -9.48 -34.89 5.39
N GLN A 412 -8.81 -35.69 6.21
CA GLN A 412 -9.52 -36.46 7.23
C GLN A 412 -10.23 -35.53 8.21
N LEU A 413 -9.59 -34.43 8.59
CA LEU A 413 -10.20 -33.48 9.51
C LEU A 413 -11.39 -32.78 8.87
N ALA A 414 -11.20 -32.23 7.67
CA ALA A 414 -12.27 -31.49 7.01
C ALA A 414 -13.50 -32.36 6.79
N GLY A 415 -13.29 -33.62 6.39
CA GLY A 415 -14.42 -34.51 6.14
C GLY A 415 -15.21 -34.80 7.41
N ARG A 416 -14.50 -35.11 8.51
CA ARG A 416 -15.18 -35.45 9.75
C ARG A 416 -15.95 -34.27 10.31
N LEU A 417 -15.36 -33.07 10.30
CA LEU A 417 -16.06 -31.92 10.86
C LEU A 417 -17.24 -31.50 9.99
N ALA A 418 -17.08 -31.58 8.67
CA ALA A 418 -18.19 -31.27 7.77
C ALA A 418 -19.39 -32.18 8.06
N ALA A 419 -19.14 -33.48 8.18
CA ALA A 419 -20.20 -34.44 8.43
C ALA A 419 -20.77 -34.36 9.84
N GLN A 420 -20.14 -33.61 10.75
CA GLN A 420 -20.55 -33.59 12.15
C GLN A 420 -20.96 -32.20 12.62
N GLY A 421 -21.35 -31.31 11.71
CA GLY A 421 -22.02 -30.07 12.08
C GLY A 421 -21.28 -28.79 11.80
N ALA A 422 -20.05 -28.84 11.28
CA ALA A 422 -19.30 -27.64 11.00
C ALA A 422 -19.39 -27.27 9.52
N ARG A 423 -19.38 -25.96 9.25
CA ARG A 423 -19.34 -25.47 7.89
CA ARG A 423 -19.34 -25.45 7.89
C ARG A 423 -17.88 -25.27 7.48
N VAL A 424 -17.44 -26.05 6.49
CA VAL A 424 -16.03 -26.11 6.11
C VAL A 424 -15.86 -25.54 4.70
N TYR A 425 -14.78 -24.78 4.52
CA TYR A 425 -14.35 -24.31 3.22
C TYR A 425 -12.90 -24.74 3.00
N ALA A 426 -12.60 -25.27 1.82
CA ALA A 426 -11.29 -25.84 1.55
C ALA A 426 -10.68 -25.21 0.30
N TYR A 427 -9.34 -25.12 0.31
CA TYR A 427 -8.61 -24.54 -0.80
C TYR A 427 -7.35 -25.35 -1.07
N VAL A 428 -6.84 -25.20 -2.28
CA VAL A 428 -5.46 -25.54 -2.63
C VAL A 428 -4.82 -24.29 -3.20
N PHE A 429 -3.73 -23.85 -2.58
CA PHE A 429 -3.00 -22.67 -3.02
C PHE A 429 -2.00 -23.08 -4.09
N GLU A 430 -2.14 -22.52 -5.30
CA GLU A 430 -1.42 -23.03 -6.46
C GLU A 430 -0.55 -21.98 -7.15
N HIS A 431 -0.38 -20.80 -6.57
CA HIS A 431 0.44 -19.77 -7.20
C HIS A 431 1.87 -19.85 -6.69
N ARG A 432 2.83 -19.86 -7.61
CA ARG A 432 4.24 -19.85 -7.28
C ARG A 432 4.73 -18.41 -7.37
N ALA A 433 5.14 -17.85 -6.23
CA ALA A 433 5.53 -16.45 -6.18
C ALA A 433 6.66 -16.16 -7.15
N SER A 434 6.55 -15.02 -7.85
CA SER A 434 7.58 -14.62 -8.79
C SER A 434 8.92 -14.45 -8.10
N THR A 435 8.93 -14.11 -6.82
CA THR A 435 10.14 -13.88 -6.06
C THR A 435 10.65 -15.14 -5.35
N LEU A 436 10.01 -16.29 -5.56
CA LEU A 436 10.40 -17.50 -4.87
C LEU A 436 11.85 -17.85 -5.19
N SER A 437 12.62 -18.17 -4.16
CA SER A 437 14.04 -18.48 -4.32
C SER A 437 14.34 -19.96 -4.40
N TRP A 438 13.39 -20.82 -4.01
CA TRP A 438 13.60 -22.25 -4.13
C TRP A 438 13.54 -22.66 -5.61
N PRO A 439 14.18 -23.77 -5.97
CA PRO A 439 14.21 -24.17 -7.38
C PRO A 439 12.82 -24.54 -7.88
N LEU A 440 12.70 -24.58 -9.21
CA LEU A 440 11.38 -24.72 -9.82
C LEU A 440 10.80 -26.12 -9.61
N TRP A 441 11.64 -27.14 -9.48
CA TRP A 441 11.10 -28.49 -9.30
C TRP A 441 10.33 -28.63 -8.00
N MET A 442 10.55 -27.75 -7.03
CA MET A 442 9.82 -27.81 -5.77
C MET A 442 8.41 -27.27 -5.89
N GLY A 443 8.07 -26.62 -6.99
CA GLY A 443 6.69 -26.19 -7.21
C GLY A 443 6.30 -25.07 -6.25
N VAL A 444 5.17 -25.25 -5.58
CA VAL A 444 4.69 -24.30 -4.58
C VAL A 444 4.90 -24.93 -3.21
N PRO A 445 6.02 -24.62 -2.53
CA PRO A 445 6.41 -25.40 -1.36
C PRO A 445 5.59 -25.06 -0.12
N HIS A 446 5.79 -25.87 0.91
CA HIS A 446 5.18 -25.69 2.21
C HIS A 446 5.45 -24.29 2.75
N GLY A 447 4.38 -23.56 3.04
CA GLY A 447 4.46 -22.29 3.72
C GLY A 447 4.49 -21.05 2.85
N TYR A 448 4.40 -21.18 1.54
CA TYR A 448 4.57 -20.02 0.66
C TYR A 448 3.26 -19.45 0.16
N GLU A 449 2.15 -19.79 0.83
CA GLU A 449 0.93 -19.00 0.74
C GLU A 449 0.88 -17.92 1.80
N ILE A 450 1.68 -18.04 2.86
CA ILE A 450 1.56 -17.14 4.01
C ILE A 450 1.80 -15.70 3.60
N GLU A 451 2.85 -15.45 2.82
CA GLU A 451 3.20 -14.08 2.47
C GLU A 451 2.08 -13.40 1.69
N PHE A 452 1.24 -14.17 1.00
CA PHE A 452 0.12 -13.58 0.29
C PHE A 452 -1.07 -13.32 1.20
N ILE A 453 -1.27 -14.17 2.20
CA ILE A 453 -2.38 -13.96 3.14
C ILE A 453 -2.10 -12.74 4.02
N PHE A 454 -0.85 -12.53 4.42
CA PHE A 454 -0.50 -11.35 5.20
C PHE A 454 -0.27 -10.11 4.33
N GLY A 455 -0.43 -10.22 3.02
CA GLY A 455 -0.36 -9.06 2.16
C GLY A 455 1.01 -8.48 1.95
N ILE A 456 2.06 -9.26 2.19
CA ILE A 456 3.45 -8.85 2.02
C ILE A 456 3.73 -8.27 0.63
N PRO A 457 3.10 -8.75 -0.45
CA PRO A 457 3.33 -8.10 -1.75
C PRO A 457 3.02 -6.61 -1.79
N LEU A 458 2.22 -6.09 -0.87
CA LEU A 458 1.98 -4.64 -0.83
C LEU A 458 3.17 -3.87 -0.27
N ASP A 459 4.18 -4.55 0.23
CA ASP A 459 5.36 -3.89 0.79
C ASP A 459 6.12 -3.16 -0.31
N PRO A 460 6.39 -1.86 -0.15
CA PRO A 460 7.12 -1.13 -1.19
C PRO A 460 8.47 -1.74 -1.53
N SER A 461 9.15 -2.31 -0.53
CA SER A 461 10.52 -2.78 -0.72
C SER A 461 10.59 -4.08 -1.51
N ARG A 462 9.49 -4.83 -1.59
CA ARG A 462 9.47 -6.08 -2.34
C ARG A 462 9.20 -5.81 -3.81
N ASN A 463 9.38 -6.87 -4.57
CA ASN A 463 9.26 -6.86 -5.99
C ASN A 463 8.19 -7.73 -6.59
N TYR A 464 7.07 -7.89 -5.94
CA TYR A 464 6.00 -8.69 -6.51
C TYR A 464 5.42 -7.96 -7.72
N THR A 465 4.83 -8.72 -8.62
CA THR A 465 4.16 -8.12 -9.77
C THR A 465 2.89 -7.42 -9.32
N ALA A 466 2.37 -6.57 -10.21
CA ALA A 466 1.09 -5.92 -9.93
C ALA A 466 -0.02 -6.94 -9.76
N GLU A 467 0.02 -8.03 -10.54
CA GLU A 467 -0.96 -9.09 -10.41
C GLU A 467 -0.92 -9.73 -9.04
N GLU A 468 0.29 -10.01 -8.54
CA GLU A 468 0.42 -10.66 -7.23
C GLU A 468 -0.10 -9.77 -6.11
N LYS A 469 -0.09 -8.46 -6.31
CA LYS A 469 -0.65 -7.56 -5.30
C LYS A 469 -2.17 -7.58 -5.32
N ILE A 470 -2.76 -7.63 -6.52
CA ILE A 470 -4.19 -7.88 -6.63
C ILE A 470 -4.54 -9.20 -5.96
N PHE A 471 -3.76 -10.24 -6.24
CA PHE A 471 -4.01 -11.57 -5.70
C PHE A 471 -3.93 -11.56 -4.18
N ALA A 472 -2.94 -10.86 -3.62
CA ALA A 472 -2.85 -10.74 -2.16
C ALA A 472 -4.07 -10.02 -1.60
N GLN A 473 -4.52 -8.96 -2.27
CA GLN A 473 -5.70 -8.25 -1.79
C GLN A 473 -6.95 -9.13 -1.85
N ARG A 474 -7.03 -10.03 -2.83
CA ARG A 474 -8.17 -10.95 -2.88
C ARG A 474 -8.11 -11.96 -1.76
N LEU A 475 -6.92 -12.49 -1.45
CA LEU A 475 -6.80 -13.48 -0.38
C LEU A 475 -7.06 -12.85 0.99
N MET A 476 -6.52 -11.66 1.23
CA MET A 476 -6.80 -10.96 2.49
C MET A 476 -8.30 -10.76 2.68
N ARG A 477 -9.01 -10.45 1.60
CA ARG A 477 -10.46 -10.29 1.68
C ARG A 477 -11.14 -11.61 2.02
N TYR A 478 -10.70 -12.72 1.39
CA TYR A 478 -11.25 -14.03 1.71
C TYR A 478 -11.10 -14.33 3.20
N TRP A 479 -9.89 -14.18 3.73
CA TRP A 479 -9.63 -14.49 5.14
C TRP A 479 -10.45 -13.59 6.06
N ALA A 480 -10.49 -12.29 5.78
CA ALA A 480 -11.22 -11.38 6.64
C ALA A 480 -12.73 -11.58 6.50
N ASN A 481 -13.20 -11.85 5.28
CA ASN A 481 -14.61 -12.20 5.11
C ASN A 481 -14.98 -13.41 5.96
N PHE A 482 -14.10 -14.42 6.01
CA PHE A 482 -14.34 -15.57 6.85
C PHE A 482 -14.32 -15.19 8.33
N ALA A 483 -13.39 -14.33 8.74
CA ALA A 483 -13.32 -13.92 10.13
C ALA A 483 -14.58 -13.14 10.54
N ARG A 484 -15.05 -12.25 9.67
CA ARG A 484 -16.23 -11.47 10.00
C ARG A 484 -17.48 -12.33 10.07
N THR A 485 -17.70 -13.16 9.05
CA THR A 485 -18.99 -13.82 8.86
C THR A 485 -18.94 -15.35 8.91
N GLY A 486 -17.76 -15.96 9.01
CA GLY A 486 -17.68 -17.40 8.90
C GLY A 486 -17.84 -17.91 7.49
N ASP A 487 -17.71 -17.03 6.50
CA ASP A 487 -17.97 -17.32 5.10
C ASP A 487 -17.04 -16.46 4.26
N PRO A 488 -16.12 -17.06 3.49
CA PRO A 488 -15.15 -16.25 2.74
C PRO A 488 -15.76 -15.49 1.56
N ASN A 489 -17.01 -15.74 1.21
CA ASN A 489 -17.59 -15.19 -0.01
C ASN A 489 -18.04 -13.75 0.17
N GLU A 490 -17.97 -12.99 -0.93
CA GLU A 490 -18.39 -11.60 -0.96
C GLU A 490 -19.86 -11.46 -0.56
N PRO A 491 -20.18 -10.76 0.54
CA PRO A 491 -21.59 -10.56 0.87
C PRO A 491 -22.26 -9.60 -0.11
N ALA A 496 -19.12 -12.20 -8.82
CA ALA A 496 -17.86 -12.80 -8.40
C ALA A 496 -18.01 -14.30 -8.17
N PRO A 497 -17.05 -15.09 -8.67
CA PRO A 497 -17.13 -16.54 -8.51
C PRO A 497 -17.27 -16.98 -7.06
N GLN A 498 -18.11 -17.98 -6.83
CA GLN A 498 -18.48 -18.41 -5.49
C GLN A 498 -17.63 -19.59 -5.01
N TRP A 499 -17.42 -19.62 -3.71
CA TRP A 499 -16.64 -20.66 -3.04
C TRP A 499 -17.57 -21.56 -2.24
N PRO A 500 -17.79 -22.81 -2.65
CA PRO A 500 -18.81 -23.63 -2.00
C PRO A 500 -18.26 -24.35 -0.78
N PRO A 501 -19.13 -24.70 0.17
CA PRO A 501 -18.69 -25.51 1.32
C PRO A 501 -18.00 -26.80 0.90
N TYR A 502 -17.13 -27.30 1.76
CA TYR A 502 -16.58 -28.64 1.62
C TYR A 502 -17.46 -29.61 2.40
N THR A 503 -17.85 -30.70 1.73
CA THR A 503 -18.68 -31.72 2.34
C THR A 503 -18.03 -33.09 2.13
N ALA A 504 -18.41 -34.05 2.98
CA ALA A 504 -17.82 -35.37 2.89
C ALA A 504 -18.14 -36.07 1.58
N GLY A 505 -19.29 -35.75 0.98
CA GLY A 505 -19.67 -36.34 -0.28
C GLY A 505 -19.05 -35.66 -1.48
N ALA A 506 -19.45 -34.41 -1.73
CA ALA A 506 -18.99 -33.71 -2.93
C ALA A 506 -17.51 -33.33 -2.83
N GLN A 507 -17.02 -33.03 -1.63
CA GLN A 507 -15.59 -32.78 -1.38
C GLN A 507 -15.06 -31.62 -2.24
N GLN A 508 -15.86 -30.58 -2.38
CA GLN A 508 -15.47 -29.47 -3.25
C GLN A 508 -14.50 -28.53 -2.54
N TYR A 509 -13.54 -28.02 -3.31
CA TYR A 509 -12.60 -27.00 -2.85
C TYR A 509 -12.30 -26.07 -4.02
N VAL A 510 -11.60 -24.98 -3.75
CA VAL A 510 -11.26 -24.01 -4.78
C VAL A 510 -9.75 -23.92 -4.91
N SER A 511 -9.30 -23.62 -6.12
CA SER A 511 -7.91 -23.31 -6.39
C SER A 511 -7.68 -21.82 -6.21
N LEU A 512 -6.56 -21.47 -5.57
CA LEU A 512 -6.19 -20.08 -5.33
C LEU A 512 -4.94 -19.78 -6.14
N ASP A 513 -5.10 -18.98 -7.19
CA ASP A 513 -3.97 -18.48 -7.96
C ASP A 513 -4.41 -17.19 -8.66
N LEU A 514 -3.65 -16.76 -9.67
CA LEU A 514 -3.97 -15.51 -10.36
C LEU A 514 -5.27 -15.61 -11.16
N ARG A 515 -5.66 -16.81 -11.57
CA ARG A 515 -6.93 -17.00 -12.24
C ARG A 515 -8.08 -16.86 -11.24
N PRO A 516 -9.31 -16.65 -11.72
CA PRO A 516 -10.46 -16.66 -10.82
C PRO A 516 -10.64 -18.02 -10.16
N LEU A 517 -11.55 -18.06 -9.19
CA LEU A 517 -11.82 -19.30 -8.47
C LEU A 517 -12.28 -20.40 -9.40
N GLU A 518 -11.65 -21.56 -9.31
CA GLU A 518 -12.08 -22.76 -9.99
C GLU A 518 -12.45 -23.80 -8.94
N VAL A 519 -13.58 -24.47 -9.12
CA VAL A 519 -14.07 -25.47 -8.19
C VAL A 519 -13.59 -26.84 -8.66
N ARG A 520 -13.10 -27.66 -7.72
CA ARG A 520 -12.68 -29.02 -8.00
C ARG A 520 -13.20 -29.94 -6.91
N ARG A 521 -13.04 -31.24 -7.12
CA ARG A 521 -13.52 -32.26 -6.20
C ARG A 521 -12.36 -33.10 -5.67
N GLY A 522 -12.44 -33.45 -4.38
CA GLY A 522 -11.51 -34.37 -3.78
C GLY A 522 -10.11 -33.84 -3.55
N LEU A 523 -9.69 -33.78 -2.28
CA LEU A 523 -8.32 -33.43 -1.94
C LEU A 523 -7.50 -34.71 -1.97
N ARG A 524 -6.97 -35.03 -3.15
CA ARG A 524 -6.23 -36.25 -3.42
CA ARG A 524 -6.21 -36.25 -3.39
C ARG A 524 -6.96 -37.45 -2.80
N ALA A 525 -8.18 -37.64 -3.30
CA ALA A 525 -9.12 -38.62 -2.73
C ALA A 525 -8.54 -40.03 -2.78
N GLN A 526 -8.09 -40.47 -3.96
CA GLN A 526 -7.58 -41.83 -4.09
C GLN A 526 -6.38 -42.06 -3.18
N ALA A 527 -5.45 -41.10 -3.17
CA ALA A 527 -4.28 -41.21 -2.30
C ALA A 527 -4.68 -41.26 -0.83
N CYS A 528 -5.52 -40.33 -0.40
CA CYS A 528 -5.85 -40.22 1.01
C CYS A 528 -6.75 -41.36 1.49
N ALA A 529 -7.43 -42.06 0.58
CA ALA A 529 -8.09 -43.29 0.98
C ALA A 529 -7.09 -44.31 1.49
N PHE A 530 -5.91 -44.38 0.85
CA PHE A 530 -4.84 -45.25 1.33
C PHE A 530 -4.40 -44.86 2.73
N TRP A 531 -4.11 -43.57 2.94
CA TRP A 531 -3.55 -43.12 4.21
C TRP A 531 -4.59 -43.10 5.33
N ASN A 532 -5.85 -42.80 5.01
CA ASN A 532 -6.85 -42.60 6.06
C ASN A 532 -7.75 -43.81 6.30
N ARG A 533 -7.88 -44.71 5.33
CA ARG A 533 -8.75 -45.87 5.47
C ARG A 533 -8.00 -47.18 5.56
N PHE A 534 -7.05 -47.44 4.65
CA PHE A 534 -6.44 -48.76 4.60
C PHE A 534 -5.27 -48.90 5.57
N LEU A 535 -4.25 -48.05 5.44
CA LEU A 535 -3.02 -48.24 6.20
C LEU A 535 -3.24 -48.33 7.72
N PRO A 536 -4.15 -47.56 8.33
CA PRO A 536 -4.47 -47.84 9.75
C PRO A 536 -4.88 -49.28 10.00
N LYS A 537 -5.73 -49.86 9.14
CA LYS A 537 -6.10 -51.26 9.31
C LYS A 537 -4.89 -52.18 9.24
N LEU A 538 -3.91 -51.83 8.39
CA LEU A 538 -2.74 -52.68 8.25
C LEU A 538 -1.87 -52.65 9.51
N LEU A 539 -1.68 -51.46 10.08
CA LEU A 539 -0.85 -51.34 11.27
C LEU A 539 -1.44 -52.05 12.47
N SER A 540 -2.76 -52.27 12.48
CA SER A 540 -3.39 -53.00 13.57
C SER A 540 -3.10 -54.49 13.46
N ALA A 541 -3.34 -55.07 12.29
CA ALA A 541 -3.09 -56.50 12.07
C ALA A 541 -1.77 -56.73 11.36
N GLU B 3 13.98 39.45 17.64
CA GLU B 3 13.71 39.16 19.04
C GLU B 3 12.83 37.92 19.21
N ASP B 4 12.14 37.54 18.14
CA ASP B 4 11.24 36.39 18.16
C ASP B 4 11.99 35.20 17.57
N ALA B 5 12.41 34.28 18.44
CA ALA B 5 13.14 33.10 18.00
C ALA B 5 12.28 32.16 17.16
N GLU B 6 10.96 32.26 17.28
CA GLU B 6 10.07 31.45 16.43
C GLU B 6 10.20 31.84 14.97
N LEU B 7 10.69 33.04 14.68
CA LEU B 7 10.82 33.54 13.32
C LEU B 7 12.24 33.46 12.79
N LEU B 8 13.14 32.84 13.54
CA LEU B 8 14.52 32.60 13.11
C LEU B 8 14.69 31.13 12.82
N VAL B 9 15.17 30.81 11.62
CA VAL B 9 15.39 29.44 11.18
C VAL B 9 16.73 29.36 10.48
N THR B 10 17.46 28.28 10.72
CA THR B 10 18.70 27.98 10.02
C THR B 10 18.45 26.79 9.10
N VAL B 11 18.55 27.03 7.80
CA VAL B 11 18.47 25.95 6.83
C VAL B 11 19.87 25.62 6.36
N ARG B 12 19.99 24.70 5.40
CA ARG B 12 21.31 24.21 5.01
C ARG B 12 22.20 25.31 4.44
N GLY B 13 21.60 26.32 3.81
CA GLY B 13 22.36 27.38 3.19
C GLY B 13 22.66 28.59 4.07
N GLY B 14 22.01 28.71 5.21
CA GLY B 14 22.23 29.83 6.09
C GLY B 14 20.97 30.16 6.86
N ARG B 15 20.94 31.38 7.41
CA ARG B 15 19.92 31.80 8.35
C ARG B 15 18.84 32.62 7.66
N LEU B 16 17.62 32.52 8.22
CA LEU B 16 16.44 33.20 7.68
C LEU B 16 15.70 33.91 8.80
N ARG B 17 15.04 35.01 8.44
CA ARG B 17 14.16 35.74 9.34
CA ARG B 17 14.16 35.73 9.34
C ARG B 17 12.77 35.80 8.72
N GLY B 18 11.79 35.20 9.38
CA GLY B 18 10.43 35.17 8.91
C GLY B 18 9.60 36.31 9.48
N ILE B 19 8.28 36.17 9.33
CA ILE B 19 7.34 37.19 9.78
C ILE B 19 6.11 36.52 10.37
N ARG B 20 5.54 37.14 11.40
CA ARG B 20 4.28 36.68 11.97
C ARG B 20 3.12 37.24 11.16
N LEU B 21 2.19 36.37 10.77
CA LEU B 21 1.00 36.77 10.04
C LEU B 21 -0.23 36.57 10.92
N LYS B 22 -1.23 37.43 10.73
CA LYS B 22 -2.48 37.34 11.47
C LYS B 22 -3.53 36.63 10.61
N THR B 23 -4.34 35.80 11.26
CA THR B 23 -5.55 35.23 10.70
C THR B 23 -6.67 35.42 11.71
N PRO B 24 -7.93 35.32 11.28
CA PRO B 24 -9.04 35.36 12.25
C PRO B 24 -8.99 34.25 13.29
N GLY B 25 -8.19 33.21 13.09
CA GLY B 25 -8.03 32.15 14.07
C GLY B 25 -6.72 32.14 14.83
N GLY B 26 -5.89 33.17 14.68
CA GLY B 26 -4.62 33.21 15.34
C GLY B 26 -3.46 33.35 14.38
N PRO B 27 -2.25 33.48 14.90
CA PRO B 27 -1.09 33.72 14.04
C PRO B 27 -0.54 32.44 13.43
N VAL B 28 0.21 32.63 12.34
CA VAL B 28 1.07 31.61 11.76
C VAL B 28 2.41 32.24 11.42
N SER B 29 3.40 31.40 11.23
CA SER B 29 4.74 31.83 10.83
C SER B 29 4.90 31.66 9.33
N ALA B 30 5.38 32.70 8.67
CA ALA B 30 5.64 32.67 7.23
C ALA B 30 7.10 32.98 6.98
N PHE B 31 7.69 32.27 6.02
CA PHE B 31 9.05 32.49 5.56
C PHE B 31 8.96 32.60 4.04
N LEU B 32 9.00 33.82 3.53
CA LEU B 32 8.68 34.12 2.14
C LEU B 32 9.89 34.67 1.41
N GLY B 33 10.08 34.22 0.17
CA GLY B 33 11.22 34.66 -0.59
C GLY B 33 12.52 33.99 -0.21
N ILE B 34 12.47 32.70 0.14
CA ILE B 34 13.67 31.92 0.43
C ILE B 34 14.31 31.54 -0.89
N PRO B 35 15.57 31.92 -1.13
CA PRO B 35 16.24 31.52 -2.38
C PRO B 35 16.58 30.03 -2.36
N PHE B 36 16.11 29.30 -3.37
CA PHE B 36 16.44 27.89 -3.49
C PHE B 36 17.29 27.58 -4.72
N ALA B 37 17.54 28.55 -5.59
CA ALA B 37 18.42 28.35 -6.74
C ALA B 37 19.24 29.61 -6.98
N GLU B 38 20.35 29.42 -7.70
CA GLU B 38 21.07 30.58 -8.20
C GLU B 38 20.23 31.27 -9.27
N PRO B 39 20.20 32.60 -9.26
CA PRO B 39 19.34 33.33 -10.21
C PRO B 39 19.64 32.93 -11.64
N PRO B 40 18.61 32.40 -12.38
CA PRO B 40 18.84 31.84 -13.73
C PRO B 40 18.92 32.94 -14.79
N MET B 41 19.94 33.78 -14.68
CA MET B 41 20.07 34.96 -15.50
C MET B 41 21.32 34.89 -16.37
N GLY B 42 21.38 35.81 -17.33
CA GLY B 42 22.49 35.91 -18.26
C GLY B 42 22.77 34.59 -18.94
N PRO B 43 23.98 34.05 -18.72
CA PRO B 43 24.32 32.76 -19.32
C PRO B 43 23.50 31.60 -18.77
N ARG B 44 22.79 31.78 -17.65
CA ARG B 44 22.00 30.73 -17.06
C ARG B 44 20.57 30.66 -17.60
N ARG B 45 20.15 31.65 -18.39
CA ARG B 45 18.84 31.57 -19.02
C ARG B 45 18.75 30.32 -19.88
N PHE B 46 17.63 29.62 -19.76
CA PHE B 46 17.28 28.35 -20.42
C PHE B 46 18.02 27.16 -19.79
N LEU B 47 18.93 27.37 -18.85
CA LEU B 47 19.69 26.26 -18.28
C LEU B 47 18.97 25.66 -17.09
N PRO B 48 19.26 24.41 -16.75
CA PRO B 48 18.70 23.83 -15.53
C PRO B 48 19.12 24.62 -14.32
N PRO B 49 18.32 24.61 -13.26
CA PRO B 49 18.63 25.44 -12.09
C PRO B 49 19.82 24.89 -11.32
N GLU B 50 20.55 25.81 -10.68
CA GLU B 50 21.62 25.37 -9.80
C GLU B 50 21.26 25.67 -8.36
N PRO B 51 21.62 24.79 -7.43
CA PRO B 51 21.32 25.04 -6.02
C PRO B 51 21.89 26.37 -5.57
N LYS B 52 21.15 27.05 -4.71
CA LYS B 52 21.62 28.30 -4.14
C LYS B 52 22.88 28.06 -3.31
N GLN B 53 23.95 28.76 -3.64
CA GLN B 53 25.18 28.66 -2.87
CA GLN B 53 25.16 28.63 -2.86
C GLN B 53 24.95 29.26 -1.48
N PRO B 54 25.59 28.71 -0.45
CA PRO B 54 25.39 29.21 0.91
C PRO B 54 25.68 30.70 1.04
N TRP B 55 25.00 31.33 1.99
CA TRP B 55 25.14 32.76 2.27
C TRP B 55 25.53 32.97 3.72
N SER B 56 26.12 34.13 3.99
CA SER B 56 26.36 34.58 5.35
C SER B 56 25.31 35.63 5.73
N GLY B 57 25.21 35.88 7.02
CA GLY B 57 24.18 36.81 7.47
C GLY B 57 22.80 36.16 7.45
N VAL B 58 21.79 37.02 7.57
CA VAL B 58 20.40 36.60 7.67
C VAL B 58 19.67 37.09 6.42
N VAL B 59 19.11 36.16 5.66
CA VAL B 59 18.28 36.51 4.52
C VAL B 59 16.91 36.97 5.04
N ASP B 60 16.47 38.13 4.58
CA ASP B 60 15.16 38.65 4.94
C ASP B 60 14.10 37.84 4.22
N ALA B 61 13.31 37.07 4.98
CA ALA B 61 12.25 36.27 4.40
C ALA B 61 10.88 36.73 4.91
N THR B 62 10.60 38.04 4.78
CA THR B 62 9.37 38.62 5.28
C THR B 62 8.41 39.06 4.18
N THR B 63 8.85 39.08 2.92
CA THR B 63 8.00 39.51 1.82
C THR B 63 8.18 38.56 0.64
N PHE B 64 7.14 38.48 -0.20
CA PHE B 64 7.24 37.69 -1.41
C PHE B 64 8.30 38.28 -2.34
N GLN B 65 8.96 37.40 -3.09
CA GLN B 65 9.98 37.84 -4.03
C GLN B 65 9.37 38.04 -5.42
N SER B 66 10.23 38.34 -6.39
CA SER B 66 9.78 38.73 -7.72
C SER B 66 9.02 37.59 -8.40
N VAL B 67 8.10 37.97 -9.28
CA VAL B 67 7.39 37.02 -10.11
C VAL B 67 8.23 36.69 -11.33
N CYS B 68 8.30 35.40 -11.68
CA CYS B 68 9.04 34.99 -12.86
C CYS B 68 8.48 35.70 -14.09
N TYR B 69 9.38 36.12 -14.98
CA TYR B 69 9.02 36.96 -16.11
C TYR B 69 7.96 36.29 -16.98
N GLN B 70 6.89 37.01 -17.28
CA GLN B 70 5.74 36.39 -17.92
C GLN B 70 4.85 37.45 -18.55
N TYR B 71 3.99 36.99 -19.47
CA TYR B 71 2.97 37.82 -20.08
C TYR B 71 1.96 38.28 -19.04
N VAL B 72 1.44 39.49 -19.24
CA VAL B 72 0.42 40.07 -18.38
C VAL B 72 -0.86 40.19 -19.18
N ASP B 73 -1.95 39.62 -18.66
CA ASP B 73 -3.20 39.57 -19.40
C ASP B 73 -3.82 40.97 -19.52
N THR B 74 -4.29 41.28 -20.72
CA THR B 74 -4.79 42.63 -21.04
C THR B 74 -6.21 42.63 -21.59
N LEU B 75 -6.93 41.51 -21.51
CA LEU B 75 -8.23 41.42 -22.15
C LEU B 75 -9.25 42.35 -21.48
N TYR B 76 -9.35 42.29 -20.15
CA TYR B 76 -10.26 43.14 -19.38
C TYR B 76 -9.45 43.86 -18.31
N PRO B 77 -8.81 44.98 -18.66
CA PRO B 77 -7.94 45.66 -17.69
C PRO B 77 -8.72 46.16 -16.48
N GLY B 78 -8.16 45.91 -15.30
CA GLY B 78 -8.80 46.32 -14.06
C GLY B 78 -9.93 45.43 -13.58
N PHE B 79 -10.29 44.40 -14.36
CA PHE B 79 -11.36 43.49 -13.97
C PHE B 79 -10.85 42.48 -12.96
N GLU B 80 -11.59 42.32 -11.86
CA GLU B 80 -11.17 41.43 -10.78
C GLU B 80 -10.89 40.02 -11.28
N GLY B 81 -11.76 39.51 -12.16
CA GLY B 81 -11.66 38.12 -12.58
C GLY B 81 -10.36 37.79 -13.30
N THR B 82 -9.77 38.77 -13.98
CA THR B 82 -8.51 38.53 -14.69
C THR B 82 -7.28 38.99 -13.92
N GLU B 83 -7.33 40.13 -13.25
CA GLU B 83 -6.11 40.60 -12.58
C GLU B 83 -5.78 39.77 -11.35
N MET B 84 -6.74 39.02 -10.79
CA MET B 84 -6.42 38.14 -9.67
C MET B 84 -5.39 37.07 -10.04
N TRP B 85 -5.19 36.83 -11.34
CA TRP B 85 -4.15 35.92 -11.80
C TRP B 85 -2.91 36.64 -12.32
N ASN B 86 -2.98 37.94 -12.52
CA ASN B 86 -1.84 38.70 -13.03
C ASN B 86 -0.78 38.87 -11.94
N PRO B 87 0.47 39.12 -12.32
CA PRO B 87 1.53 39.31 -11.33
C PRO B 87 1.20 40.44 -10.37
N ASN B 88 1.46 40.19 -9.09
CA ASN B 88 1.30 41.20 -8.05
C ASN B 88 2.63 41.58 -7.40
N ARG B 89 3.74 41.26 -8.06
CA ARG B 89 5.06 41.72 -7.68
C ARG B 89 5.83 42.03 -8.96
N GLU B 90 6.97 42.70 -8.80
CA GLU B 90 7.85 43.00 -9.92
C GLU B 90 8.19 41.73 -10.69
N LEU B 91 8.27 41.84 -12.01
CA LEU B 91 8.76 40.75 -12.83
C LEU B 91 10.28 40.77 -12.89
N SER B 92 10.88 39.59 -12.88
CA SER B 92 12.33 39.45 -12.94
C SER B 92 12.66 38.01 -13.29
N GLU B 93 13.80 37.83 -13.96
CA GLU B 93 14.33 36.49 -14.12
C GLU B 93 14.93 35.97 -12.82
N ASP B 94 15.27 36.87 -11.90
CA ASP B 94 15.69 36.52 -10.54
C ASP B 94 14.43 36.22 -9.74
N CYS B 95 13.94 35.00 -9.88
CA CYS B 95 12.63 34.65 -9.34
C CYS B 95 12.54 33.28 -8.68
N LEU B 96 13.64 32.55 -8.57
CA LEU B 96 13.58 31.19 -8.02
C LEU B 96 13.66 31.26 -6.50
N TYR B 97 12.51 31.58 -5.91
CA TYR B 97 12.33 31.65 -4.47
C TYR B 97 11.11 30.83 -4.08
N LEU B 98 11.11 30.31 -2.86
CA LEU B 98 9.97 29.54 -2.35
C LEU B 98 9.52 30.11 -1.01
N ASN B 99 8.36 29.64 -0.55
CA ASN B 99 7.72 30.16 0.65
C ASN B 99 7.31 29.02 1.56
N VAL B 100 7.40 29.25 2.87
CA VAL B 100 7.03 28.27 3.88
C VAL B 100 6.10 28.94 4.89
N TRP B 101 4.95 28.31 5.15
CA TRP B 101 4.04 28.69 6.22
C TRP B 101 3.98 27.55 7.23
N THR B 102 4.09 27.87 8.51
CA THR B 102 3.97 26.90 9.59
C THR B 102 3.08 27.45 10.67
N PRO B 103 2.53 26.58 11.54
CA PRO B 103 1.81 27.07 12.71
C PRO B 103 2.72 27.88 13.63
N TYR B 104 2.09 28.77 14.40
CA TYR B 104 2.80 29.55 15.41
C TYR B 104 2.30 29.17 16.80
N PRO B 105 3.22 28.80 17.70
CA PRO B 105 4.67 28.67 17.48
C PRO B 105 4.99 27.49 16.59
N ARG B 106 6.22 27.42 16.06
CA ARG B 106 6.55 26.40 15.08
C ARG B 106 6.33 25.01 15.68
N PRO B 107 5.89 24.05 14.87
CA PRO B 107 5.68 22.69 15.39
C PRO B 107 6.97 22.11 15.96
N THR B 108 6.85 21.43 17.09
CA THR B 108 7.97 20.73 17.68
C THR B 108 7.95 19.23 17.39
N SER B 109 6.89 18.74 16.76
CA SER B 109 6.70 17.40 16.24
C SER B 109 6.57 17.46 14.72
N PRO B 110 7.08 16.46 14.01
CA PRO B 110 7.02 16.49 12.53
C PRO B 110 5.58 16.56 12.04
N THR B 111 5.34 17.49 11.12
CA THR B 111 4.00 17.80 10.63
C THR B 111 3.92 17.58 9.12
N PRO B 112 2.84 16.97 8.63
CA PRO B 112 2.71 16.73 7.18
C PRO B 112 2.83 18.02 6.38
N VAL B 113 3.38 17.89 5.18
CA VAL B 113 3.74 19.02 4.33
C VAL B 113 2.88 18.99 3.08
N LEU B 114 2.28 20.13 2.76
CA LEU B 114 1.61 20.35 1.48
C LEU B 114 2.50 21.25 0.63
N VAL B 115 2.69 20.89 -0.64
CA VAL B 115 3.49 21.67 -1.57
C VAL B 115 2.60 22.07 -2.74
N TRP B 116 2.45 23.38 -2.93
CA TRP B 116 1.57 23.94 -3.94
C TRP B 116 2.37 24.31 -5.19
N ILE B 117 1.88 23.88 -6.35
CA ILE B 117 2.45 24.25 -7.64
C ILE B 117 1.36 24.98 -8.42
N TYR B 118 1.59 26.26 -8.71
CA TYR B 118 0.57 27.05 -9.37
C TYR B 118 0.44 26.67 -10.84
N GLY B 119 -0.71 27.02 -11.41
CA GLY B 119 -0.95 26.86 -12.83
C GLY B 119 -0.86 28.18 -13.58
N GLY B 120 -1.32 28.15 -14.82
CA GLY B 120 -1.22 29.29 -15.69
C GLY B 120 -0.66 28.93 -17.05
N GLY B 121 -1.01 27.73 -17.53
CA GLY B 121 -0.64 27.30 -18.86
C GLY B 121 0.85 27.22 -19.12
N PHE B 122 1.66 27.11 -18.07
CA PHE B 122 3.13 27.10 -18.15
C PHE B 122 3.70 28.40 -18.70
N TYR B 123 2.88 29.44 -18.88
CA TYR B 123 3.34 30.73 -19.35
C TYR B 123 3.17 31.84 -18.33
N SER B 124 2.48 31.58 -17.21
CA SER B 124 2.19 32.61 -16.23
C SER B 124 2.03 31.95 -14.87
N GLY B 125 1.76 32.77 -13.85
CA GLY B 125 1.58 32.27 -12.51
C GLY B 125 2.61 32.79 -11.53
N ALA B 126 2.28 32.74 -10.24
CA ALA B 126 3.17 33.21 -9.19
C ALA B 126 2.70 32.65 -7.86
N SER B 127 3.65 32.33 -6.99
CA SER B 127 3.31 31.84 -5.66
C SER B 127 2.80 32.95 -4.74
N SER B 128 2.85 34.20 -5.17
CA SER B 128 2.57 35.35 -4.32
C SER B 128 1.17 35.90 -4.48
N LEU B 129 0.34 35.32 -5.36
CA LEU B 129 -0.99 35.86 -5.56
C LEU B 129 -1.87 35.63 -4.34
N ASP B 130 -2.76 36.59 -4.08
CA ASP B 130 -3.58 36.57 -2.87
C ASP B 130 -4.35 35.27 -2.72
N VAL B 131 -4.82 34.70 -3.85
CA VAL B 131 -5.65 33.51 -3.80
C VAL B 131 -4.86 32.27 -3.40
N TYR B 132 -3.53 32.34 -3.38
CA TYR B 132 -2.69 31.25 -2.91
C TYR B 132 -2.14 31.49 -1.50
N ASP B 133 -2.71 32.44 -0.77
CA ASP B 133 -2.22 32.75 0.58
C ASP B 133 -2.42 31.55 1.50
N GLY B 134 -1.32 31.03 2.04
CA GLY B 134 -1.34 29.81 2.81
C GLY B 134 -1.65 29.94 4.28
N ARG B 135 -1.97 31.14 4.77
CA ARG B 135 -2.10 31.34 6.21
C ARG B 135 -3.34 30.65 6.78
N PHE B 136 -4.42 30.54 6.00
CA PHE B 136 -5.66 29.98 6.53
C PHE B 136 -5.60 28.46 6.59
N LEU B 137 -5.10 27.82 5.54
CA LEU B 137 -4.90 26.38 5.56
C LEU B 137 -4.00 25.97 6.73
N VAL B 138 -2.87 26.67 6.89
CA VAL B 138 -1.91 26.30 7.93
C VAL B 138 -2.50 26.48 9.31
N GLN B 139 -3.30 27.53 9.51
CA GLN B 139 -3.89 27.76 10.83
C GLN B 139 -4.99 26.75 11.13
N ALA B 140 -5.85 26.49 10.14
CA ALA B 140 -7.04 25.68 10.41
C ALA B 140 -6.70 24.20 10.52
N GLU B 141 -5.74 23.72 9.74
CA GLU B 141 -5.44 22.30 9.70
C GLU B 141 -4.03 21.95 10.16
N ARG B 142 -3.26 22.93 10.61
CA ARG B 142 -1.97 22.72 11.25
C ARG B 142 -1.06 21.85 10.37
N THR B 143 -0.84 22.35 9.15
CA THR B 143 0.02 21.77 8.16
C THR B 143 1.19 22.73 7.92
N VAL B 144 2.30 22.19 7.43
CA VAL B 144 3.35 23.02 6.83
C VAL B 144 3.05 23.12 5.35
N LEU B 145 2.94 24.33 4.83
CA LEU B 145 2.67 24.54 3.41
C LEU B 145 3.85 25.23 2.75
N VAL B 146 4.29 24.68 1.64
CA VAL B 146 5.38 25.21 0.82
C VAL B 146 4.82 25.50 -0.56
N SER B 147 5.26 26.62 -1.15
CA SER B 147 5.02 26.90 -2.55
C SER B 147 6.27 27.52 -3.14
N MET B 148 6.51 27.26 -4.42
CA MET B 148 7.69 27.76 -5.09
C MET B 148 7.28 28.50 -6.35
N ASN B 149 8.14 29.44 -6.76
CA ASN B 149 8.09 30.00 -8.10
C ASN B 149 8.94 29.13 -9.02
N TYR B 150 8.46 28.92 -10.24
CA TYR B 150 9.22 28.23 -11.27
C TYR B 150 9.11 29.02 -12.56
N ARG B 151 10.14 28.88 -13.40
CA ARG B 151 10.18 29.63 -14.65
C ARG B 151 9.06 29.18 -15.58
N VAL B 152 8.46 30.16 -16.28
CA VAL B 152 7.35 29.92 -17.18
C VAL B 152 7.69 30.52 -18.53
N GLY B 153 6.84 30.22 -19.52
CA GLY B 153 7.06 30.71 -20.87
C GLY B 153 8.36 30.17 -21.45
N ALA B 154 8.98 30.98 -22.31
CA ALA B 154 10.22 30.55 -22.95
C ALA B 154 11.32 30.32 -21.92
N PHE B 155 11.33 31.11 -20.84
CA PHE B 155 12.40 30.98 -19.84
C PHE B 155 12.36 29.63 -19.15
N GLY B 156 11.18 29.01 -19.08
CA GLY B 156 11.06 27.74 -18.38
C GLY B 156 10.96 26.54 -19.30
N PHE B 157 10.53 26.74 -20.55
CA PHE B 157 10.17 25.59 -21.36
C PHE B 157 10.53 25.71 -22.84
N LEU B 158 11.29 26.73 -23.24
CA LEU B 158 11.83 26.72 -24.60
C LEU B 158 12.85 25.61 -24.72
N ALA B 159 12.76 24.84 -25.80
CA ALA B 159 13.59 23.66 -25.95
C ALA B 159 14.08 23.56 -27.39
N LEU B 160 15.39 23.33 -27.54
CA LEU B 160 15.95 22.79 -28.77
C LEU B 160 16.49 21.42 -28.42
N PRO B 161 15.69 20.36 -28.58
CA PRO B 161 16.03 19.06 -27.99
C PRO B 161 17.36 18.53 -28.49
N GLY B 162 18.07 17.84 -27.60
CA GLY B 162 19.40 17.36 -27.85
C GLY B 162 20.50 18.37 -27.55
N SER B 163 20.17 19.65 -27.46
CA SER B 163 21.15 20.68 -27.15
C SER B 163 21.32 20.80 -25.64
N ARG B 164 22.42 21.41 -25.27
CA ARG B 164 22.77 21.67 -23.90
C ARG B 164 22.45 23.08 -23.48
N GLU B 165 22.39 24.00 -24.43
CA GLU B 165 22.10 25.39 -24.14
C GLU B 165 20.62 25.62 -23.87
N ALA B 166 19.74 24.76 -24.38
CA ALA B 166 18.30 24.86 -24.13
C ALA B 166 17.69 23.47 -24.14
N PRO B 167 17.96 22.67 -23.10
CA PRO B 167 17.45 21.29 -23.10
C PRO B 167 15.95 21.18 -22.89
N GLY B 168 15.30 22.23 -22.38
CA GLY B 168 13.88 22.19 -22.13
C GLY B 168 13.55 21.60 -20.78
N ASN B 169 12.30 21.85 -20.35
CA ASN B 169 11.76 21.35 -19.08
C ASN B 169 12.48 21.92 -17.86
N VAL B 170 13.19 23.05 -17.99
CA VAL B 170 13.93 23.56 -16.85
C VAL B 170 12.97 24.13 -15.81
N GLY B 171 11.78 24.58 -16.22
CA GLY B 171 10.77 24.97 -15.25
C GLY B 171 10.34 23.80 -14.38
N LEU B 172 10.24 22.61 -14.98
CA LEU B 172 9.96 21.41 -14.20
C LEU B 172 11.13 21.09 -13.27
N LEU B 173 12.36 21.33 -13.72
CA LEU B 173 13.51 21.10 -12.85
C LEU B 173 13.58 22.13 -11.74
N ASP B 174 13.06 23.35 -11.98
CA ASP B 174 12.88 24.30 -10.89
C ASP B 174 12.00 23.71 -9.80
N GLN B 175 10.84 23.15 -10.19
CA GLN B 175 9.94 22.54 -9.24
C GLN B 175 10.61 21.39 -8.50
N ARG B 176 11.32 20.52 -9.23
CA ARG B 176 11.98 19.39 -8.59
C ARG B 176 13.04 19.87 -7.60
N LEU B 177 13.80 20.90 -7.96
CA LEU B 177 14.82 21.41 -7.06
C LEU B 177 14.20 21.94 -5.77
N ALA B 178 13.04 22.59 -5.87
CA ALA B 178 12.34 23.01 -4.66
C ALA B 178 11.90 21.81 -3.83
N LEU B 179 11.43 20.75 -4.50
CA LEU B 179 11.06 19.53 -3.78
C LEU B 179 12.28 18.92 -3.09
N GLN B 180 13.43 18.95 -3.75
CA GLN B 180 14.66 18.51 -3.10
C GLN B 180 14.99 19.40 -1.91
N TRP B 181 14.80 20.71 -2.06
CA TRP B 181 15.01 21.63 -0.95
C TRP B 181 14.11 21.30 0.23
N VAL B 182 12.85 20.91 -0.05
CA VAL B 182 11.92 20.54 1.01
C VAL B 182 12.41 19.29 1.73
N GLN B 183 12.94 18.32 0.99
CA GLN B 183 13.47 17.12 1.63
C GLN B 183 14.60 17.45 2.59
N GLU B 184 15.47 18.39 2.23
CA GLU B 184 16.65 18.67 3.02
C GLU B 184 16.39 19.67 4.15
N ASN B 185 15.36 20.51 4.05
CA ASN B 185 15.24 21.65 4.95
C ASN B 185 13.89 21.81 5.64
N VAL B 186 12.83 21.11 5.22
CA VAL B 186 11.52 21.38 5.80
C VAL B 186 11.46 20.98 7.28
N ALA B 187 12.33 20.06 7.71
CA ALA B 187 12.34 19.66 9.12
C ALA B 187 12.75 20.81 10.03
N ALA B 188 13.53 21.76 9.51
CA ALA B 188 13.94 22.91 10.30
C ALA B 188 12.75 23.81 10.65
N PHE B 189 11.64 23.70 9.92
CA PHE B 189 10.44 24.45 10.20
C PHE B 189 9.39 23.62 10.94
N GLY B 190 9.72 22.38 11.30
CA GLY B 190 8.75 21.47 11.88
C GLY B 190 8.05 20.57 10.89
N GLY B 191 8.34 20.71 9.60
CA GLY B 191 7.74 19.84 8.62
C GLY B 191 8.31 18.44 8.66
N ASP B 192 7.54 17.50 8.12
CA ASP B 192 7.94 16.09 8.08
C ASP B 192 8.26 15.71 6.64
N PRO B 193 9.53 15.54 6.28
CA PRO B 193 9.86 15.21 4.89
C PRO B 193 9.34 13.86 4.42
N THR B 194 8.91 12.98 5.32
CA THR B 194 8.35 11.69 4.95
C THR B 194 6.86 11.74 4.70
N SER B 195 6.25 12.94 4.71
CA SER B 195 4.82 13.11 4.45
C SER B 195 4.64 14.39 3.65
N VAL B 196 4.91 14.31 2.35
CA VAL B 196 4.85 15.45 1.44
C VAL B 196 3.77 15.18 0.41
N THR B 197 2.77 16.05 0.35
CA THR B 197 1.68 15.95 -0.61
C THR B 197 1.79 17.09 -1.61
N LEU B 198 1.97 16.75 -2.88
CA LEU B 198 1.90 17.75 -3.94
C LEU B 198 0.43 18.02 -4.28
N PHE B 199 0.09 19.29 -4.42
CA PHE B 199 -1.18 19.65 -5.03
C PHE B 199 -0.98 20.86 -5.93
N GLY B 200 -1.73 20.87 -7.02
CA GLY B 200 -1.62 21.92 -8.02
C GLY B 200 -2.87 21.99 -8.85
N GLU B 201 -3.02 23.09 -9.57
CA GLU B 201 -4.20 23.35 -10.37
C GLU B 201 -3.78 23.71 -11.80
N SER B 202 -4.55 23.22 -12.76
CA SER B 202 -4.33 23.49 -14.20
C SER B 202 -2.92 23.04 -14.56
N ALA B 203 -2.06 23.90 -15.10
CA ALA B 203 -0.69 23.51 -15.42
C ALA B 203 0.06 23.03 -14.18
N GLY B 204 -0.34 23.51 -13.00
CA GLY B 204 0.23 22.97 -11.77
C GLY B 204 -0.17 21.52 -11.54
N ALA B 205 -1.43 21.18 -11.86
CA ALA B 205 -1.85 19.80 -11.77
C ALA B 205 -1.14 18.93 -12.80
N ALA B 206 -0.96 19.46 -14.02
CA ALA B 206 -0.18 18.75 -15.02
C ALA B 206 1.26 18.57 -14.56
N SER B 207 1.81 19.57 -13.85
CA SER B 207 3.16 19.45 -13.30
C SER B 207 3.22 18.34 -12.27
N VAL B 208 2.24 18.30 -11.36
CA VAL B 208 2.17 17.24 -10.37
C VAL B 208 2.18 15.87 -11.04
N GLY B 209 1.35 15.71 -12.07
CA GLY B 209 1.29 14.45 -12.78
C GLY B 209 2.61 14.06 -13.41
N MET B 210 3.34 15.04 -13.93
CA MET B 210 4.64 14.73 -14.55
C MET B 210 5.68 14.33 -13.52
N HIS B 211 5.61 14.90 -12.31
CA HIS B 211 6.49 14.42 -11.24
C HIS B 211 6.13 13.00 -10.83
N LEU B 212 4.85 12.62 -10.94
CA LEU B 212 4.46 11.23 -10.72
C LEU B 212 5.12 10.31 -11.73
N LEU B 213 5.25 10.77 -12.97
CA LEU B 213 5.73 9.95 -14.07
C LEU B 213 7.24 10.07 -14.30
N SER B 214 7.95 10.79 -13.44
CA SER B 214 9.40 10.95 -13.58
C SER B 214 10.10 10.41 -12.34
N PRO B 215 10.82 9.29 -12.45
CA PRO B 215 11.38 8.61 -11.26
C PRO B 215 12.25 9.52 -10.39
N PRO B 216 13.07 10.41 -10.96
CA PRO B 216 13.85 11.30 -10.07
C PRO B 216 12.99 12.18 -9.18
N SER B 217 11.75 12.47 -9.57
CA SER B 217 10.84 13.24 -8.73
C SER B 217 10.00 12.37 -7.81
N ARG B 218 9.78 11.11 -8.19
CA ARG B 218 8.85 10.27 -7.44
CA ARG B 218 8.85 10.26 -7.44
C ARG B 218 9.31 10.05 -6.01
N GLY B 219 10.61 10.06 -5.75
CA GLY B 219 11.09 9.86 -4.40
C GLY B 219 11.02 11.06 -3.49
N LEU B 220 10.46 12.17 -3.96
CA LEU B 220 10.45 13.42 -3.21
C LEU B 220 9.08 13.78 -2.66
N PHE B 221 8.07 12.93 -2.86
CA PHE B 221 6.74 13.18 -2.31
C PHE B 221 6.01 11.85 -2.21
N HIS B 222 4.82 11.89 -1.61
CA HIS B 222 4.14 10.65 -1.24
C HIS B 222 2.70 10.60 -1.72
N ARG B 223 2.05 11.76 -1.86
CA ARG B 223 0.69 11.81 -2.38
C ARG B 223 0.58 12.97 -3.36
N ALA B 224 -0.49 12.95 -4.15
CA ALA B 224 -0.67 13.93 -5.21
C ALA B 224 -2.12 14.37 -5.29
N VAL B 225 -2.34 15.66 -5.55
CA VAL B 225 -3.66 16.20 -5.81
C VAL B 225 -3.59 16.94 -7.13
N LEU B 226 -4.46 16.58 -8.08
CA LEU B 226 -4.50 17.19 -9.40
C LEU B 226 -5.86 17.86 -9.56
N GLN B 227 -5.86 19.19 -9.55
CA GLN B 227 -7.08 19.98 -9.66
C GLN B 227 -7.15 20.56 -11.07
N SER B 228 -8.14 20.12 -11.85
CA SER B 228 -8.43 20.70 -13.16
C SER B 228 -7.22 20.67 -14.08
N GLY B 229 -6.51 19.55 -14.10
CA GLY B 229 -5.35 19.42 -14.96
C GLY B 229 -4.79 18.02 -14.85
N ALA B 230 -4.08 17.62 -15.90
CA ALA B 230 -3.50 16.29 -15.99
C ALA B 230 -2.31 16.34 -16.94
N PRO B 231 -1.30 15.49 -16.72
CA PRO B 231 -0.13 15.53 -17.62
C PRO B 231 -0.42 15.05 -19.02
N ASN B 232 -1.50 14.27 -19.22
CA ASN B 232 -1.89 13.80 -20.54
C ASN B 232 -2.82 14.76 -21.27
N GLY B 233 -2.94 15.99 -20.80
CA GLY B 233 -3.71 17.00 -21.49
C GLY B 233 -3.13 17.29 -22.86
N PRO B 234 -3.99 17.53 -23.85
CA PRO B 234 -3.49 17.85 -25.20
C PRO B 234 -2.68 19.13 -25.25
N TRP B 235 -2.69 19.93 -24.19
CA TRP B 235 -1.98 21.19 -24.10
C TRP B 235 -0.72 21.10 -23.23
N ALA B 236 -0.57 20.04 -22.45
CA ALA B 236 0.43 20.02 -21.39
C ALA B 236 1.82 19.63 -21.88
N THR B 237 1.91 18.88 -22.97
CA THR B 237 3.20 18.48 -23.51
C THR B 237 3.26 18.79 -25.00
N VAL B 238 4.48 18.77 -25.53
CA VAL B 238 4.73 19.03 -26.94
C VAL B 238 5.86 18.12 -27.40
N GLY B 239 5.82 17.72 -28.66
CA GLY B 239 6.84 16.85 -29.20
C GLY B 239 8.14 17.59 -29.46
N MET B 240 9.19 16.81 -29.71
CA MET B 240 10.52 17.40 -29.93
C MET B 240 10.53 18.25 -31.20
N GLY B 241 9.97 17.72 -32.28
CA GLY B 241 9.98 18.46 -33.54
C GLY B 241 9.23 19.77 -33.45
N GLU B 242 8.06 19.76 -32.80
CA GLU B 242 7.29 20.99 -32.67
C GLU B 242 7.95 21.97 -31.71
N ALA B 243 8.59 21.45 -30.66
CA ALA B 243 9.32 22.32 -29.75
C ALA B 243 10.46 23.03 -30.47
N ARG B 244 11.21 22.30 -31.30
CA ARG B 244 12.30 22.91 -32.05
C ARG B 244 11.78 23.94 -33.04
N ARG B 245 10.61 23.69 -33.63
CA ARG B 245 10.06 24.65 -34.58
C ARG B 245 9.70 25.96 -33.89
N ARG B 246 9.06 25.89 -32.73
CA ARG B 246 8.63 27.10 -32.05
C ARG B 246 9.81 27.89 -31.51
N ALA B 247 10.78 27.20 -30.92
CA ALA B 247 11.99 27.90 -30.48
C ALA B 247 12.69 28.58 -31.65
N THR B 248 12.72 27.91 -32.81
CA THR B 248 13.39 28.49 -33.97
C THR B 248 12.61 29.67 -34.53
N GLN B 249 11.27 29.59 -34.53
CA GLN B 249 10.49 30.73 -35.01
C GLN B 249 10.58 31.92 -34.06
N LEU B 250 10.55 31.67 -32.75
CA LEU B 250 10.70 32.76 -31.80
C LEU B 250 12.02 33.48 -32.00
N ALA B 251 13.09 32.74 -32.22
CA ALA B 251 14.38 33.37 -32.52
C ALA B 251 14.29 34.25 -33.75
N HIS B 252 13.56 33.79 -34.78
CA HIS B 252 13.44 34.57 -36.01
C HIS B 252 12.65 35.85 -35.77
N LEU B 253 11.48 35.75 -35.13
CA LEU B 253 10.69 36.93 -34.86
C LEU B 253 11.41 37.93 -33.97
N VAL B 254 12.48 37.49 -33.32
CA VAL B 254 13.19 38.29 -32.32
C VAL B 254 14.50 38.85 -32.85
N GLY B 255 14.92 38.46 -34.05
CA GLY B 255 16.10 39.02 -34.68
C GLY B 255 17.32 38.13 -34.68
N CYS B 256 17.18 36.88 -34.31
CA CYS B 256 18.27 35.93 -34.20
C CYS B 256 18.25 34.97 -35.39
N PRO B 257 19.38 34.30 -35.68
CA PRO B 257 19.56 33.23 -36.67
C PRO B 257 18.46 32.14 -36.63
N PRO B 258 18.56 31.09 -37.47
CA PRO B 258 19.40 30.84 -38.65
C PRO B 258 18.89 31.61 -39.86
N ASN B 264 22.64 26.54 -36.16
CA ASN B 264 23.39 26.00 -35.06
C ASN B 264 22.69 26.37 -33.78
N ASP B 265 22.38 25.36 -32.98
CA ASP B 265 21.68 25.61 -31.72
C ASP B 265 22.48 26.52 -30.80
N THR B 266 23.78 26.29 -30.70
CA THR B 266 24.60 27.11 -29.81
C THR B 266 24.50 28.60 -30.17
N GLU B 267 24.74 28.93 -31.41
CA GLU B 267 24.69 30.32 -31.76
C GLU B 267 23.35 30.94 -31.62
N LEU B 268 22.32 30.16 -31.80
CA LEU B 268 20.98 30.73 -31.69
C LEU B 268 20.62 31.05 -30.25
N VAL B 269 20.83 30.07 -29.35
CA VAL B 269 20.52 30.32 -27.95
C VAL B 269 21.37 31.47 -27.43
N ALA B 270 22.60 31.58 -27.92
CA ALA B 270 23.46 32.70 -27.53
C ALA B 270 22.83 34.03 -27.90
N CYS B 271 22.25 34.13 -29.11
CA CYS B 271 21.61 35.37 -29.51
C CYS B 271 20.35 35.64 -28.70
N LEU B 272 19.56 34.60 -28.43
CA LEU B 272 18.38 34.78 -27.60
C LEU B 272 18.75 35.25 -26.20
N ARG B 273 19.91 34.81 -25.69
CA ARG B 273 20.36 35.25 -24.39
C ARG B 273 20.66 36.74 -24.35
N THR B 274 20.91 37.36 -25.49
CA THR B 274 21.19 38.79 -25.55
C THR B 274 19.94 39.65 -25.46
N ARG B 275 18.77 39.06 -25.60
CA ARG B 275 17.53 39.82 -25.68
C ARG B 275 16.93 40.06 -24.31
N PRO B 276 16.51 41.28 -24.00
CA PRO B 276 15.76 41.51 -22.77
C PRO B 276 14.56 40.58 -22.66
N ALA B 277 14.23 40.21 -21.42
CA ALA B 277 13.19 39.22 -21.18
C ALA B 277 11.85 39.64 -21.75
N GLN B 278 11.55 40.94 -21.73
CA GLN B 278 10.26 41.42 -22.22
C GLN B 278 10.11 41.22 -23.72
N VAL B 279 11.23 41.16 -24.45
CA VAL B 279 11.17 40.97 -25.90
C VAL B 279 10.71 39.55 -26.23
N LEU B 280 11.24 38.55 -25.52
CA LEU B 280 10.78 37.19 -25.72
C LEU B 280 9.30 37.05 -25.36
N VAL B 281 8.87 37.71 -24.28
CA VAL B 281 7.48 37.61 -23.84
C VAL B 281 6.54 38.14 -24.90
N ASN B 282 6.89 39.25 -25.55
CA ASN B 282 5.94 39.88 -26.46
C ASN B 282 5.72 39.10 -27.75
N HIS B 283 6.63 38.18 -28.10
CA HIS B 283 6.47 37.40 -29.31
C HIS B 283 6.12 35.94 -29.06
N GLU B 284 6.08 35.49 -27.80
CA GLU B 284 5.98 34.06 -27.53
C GLU B 284 4.67 33.46 -28.04
N TRP B 285 3.61 34.25 -28.13
CA TRP B 285 2.35 33.73 -28.62
C TRP B 285 2.21 33.64 -30.11
N HIS B 286 3.11 34.27 -30.83
CA HIS B 286 3.04 34.25 -32.29
C HIS B 286 3.67 33.01 -32.89
N VAL B 287 4.17 32.09 -32.07
CA VAL B 287 4.75 30.84 -32.56
C VAL B 287 3.76 29.69 -32.50
N LEU B 288 2.56 29.90 -31.96
CA LEU B 288 1.54 28.87 -31.99
C LEU B 288 1.10 28.63 -33.44
N PRO B 289 0.83 27.38 -33.81
CA PRO B 289 0.56 27.08 -35.23
C PRO B 289 -0.77 27.61 -35.73
N GLN B 290 -1.71 28.01 -34.88
CA GLN B 290 -2.94 28.59 -35.39
C GLN B 290 -3.69 29.34 -34.30
N GLU B 291 -4.82 29.93 -34.71
CA GLU B 291 -5.78 30.52 -33.79
C GLU B 291 -6.38 29.44 -32.91
N SER B 292 -6.27 29.60 -31.60
CA SER B 292 -6.75 28.58 -30.69
C SER B 292 -7.06 29.20 -29.34
N VAL B 293 -7.73 28.40 -28.51
CA VAL B 293 -7.83 28.64 -27.08
C VAL B 293 -7.30 27.39 -26.39
N PHE B 294 -6.84 27.56 -25.15
CA PHE B 294 -6.30 26.47 -24.34
C PHE B 294 -5.10 25.80 -25.03
N ARG B 295 -4.24 26.61 -25.64
CA ARG B 295 -2.96 26.16 -26.15
C ARG B 295 -1.89 27.18 -25.82
N PHE B 296 -0.71 26.68 -25.45
CA PHE B 296 0.35 27.52 -24.92
C PHE B 296 1.66 27.19 -25.61
N SER B 297 2.46 28.22 -25.88
CA SER B 297 3.57 28.09 -26.80
C SER B 297 4.67 27.18 -26.27
N PHE B 298 5.14 27.42 -25.05
CA PHE B 298 6.26 26.66 -24.49
C PHE B 298 5.80 25.92 -23.25
N VAL B 299 5.74 24.60 -23.37
CA VAL B 299 5.21 23.69 -22.36
C VAL B 299 6.22 22.56 -22.22
N PRO B 300 6.07 21.65 -21.26
CA PRO B 300 7.00 20.52 -21.17
C PRO B 300 7.12 19.75 -22.48
N VAL B 301 8.34 19.34 -22.80
CA VAL B 301 8.63 18.60 -24.03
C VAL B 301 8.90 17.15 -23.68
N VAL B 302 8.40 16.24 -24.51
CA VAL B 302 8.67 14.81 -24.39
C VAL B 302 9.96 14.52 -25.15
N ASP B 303 11.04 14.28 -24.41
CA ASP B 303 12.35 14.13 -25.06
C ASP B 303 13.15 12.95 -24.51
N GLY B 304 12.55 12.06 -23.74
CA GLY B 304 13.25 10.91 -23.21
C GLY B 304 14.03 11.15 -21.93
N ASP B 305 14.17 12.41 -21.49
CA ASP B 305 14.91 12.69 -20.26
C ASP B 305 13.96 12.81 -19.08
N PHE B 306 13.39 14.00 -18.86
CA PHE B 306 12.44 14.18 -17.76
C PHE B 306 11.28 13.20 -17.89
N LEU B 307 10.72 13.09 -19.10
CA LEU B 307 9.71 12.10 -19.42
C LEU B 307 10.30 11.15 -20.45
N SER B 308 10.51 9.89 -20.06
CA SER B 308 11.08 8.91 -20.99
C SER B 308 10.12 8.53 -22.11
N ASP B 309 8.86 8.93 -22.02
CA ASP B 309 7.86 8.66 -23.05
C ASP B 309 6.75 9.68 -22.87
N THR B 310 5.74 9.60 -23.73
CA THR B 310 4.58 10.46 -23.57
C THR B 310 3.90 10.16 -22.24
N PRO B 311 3.30 11.17 -21.60
CA PRO B 311 2.56 10.88 -20.36
C PRO B 311 1.51 9.81 -20.52
N GLU B 312 0.86 9.72 -21.68
CA GLU B 312 -0.12 8.66 -21.91
C GLU B 312 0.54 7.29 -21.82
N ALA B 313 1.69 7.12 -22.48
CA ALA B 313 2.37 5.84 -22.45
C ALA B 313 2.84 5.48 -21.04
N LEU B 314 3.40 6.46 -20.33
CA LEU B 314 3.87 6.21 -18.96
C LEU B 314 2.72 5.90 -18.02
N ILE B 315 1.55 6.50 -18.25
CA ILE B 315 0.39 6.19 -17.43
C ILE B 315 -0.05 4.75 -17.63
N ASN B 316 -0.19 4.33 -18.89
CA ASN B 316 -0.70 3.00 -19.18
C ASN B 316 0.23 1.89 -18.71
N ALA B 317 1.54 2.17 -18.64
CA ALA B 317 2.52 1.16 -18.25
C ALA B 317 2.84 1.19 -16.76
N GLY B 318 2.33 2.16 -16.01
CA GLY B 318 2.80 2.37 -14.66
C GLY B 318 2.17 1.43 -13.64
N ASP B 319 2.99 1.01 -12.68
CA ASP B 319 2.52 0.33 -11.48
C ASP B 319 2.28 1.39 -10.41
N PHE B 320 1.03 1.52 -9.96
CA PHE B 320 0.65 2.61 -9.08
C PHE B 320 0.12 2.12 -7.73
N HIS B 321 0.42 0.87 -7.36
CA HIS B 321 0.11 0.42 -6.01
C HIS B 321 0.90 1.23 -5.00
N GLY B 322 0.26 1.56 -3.87
CA GLY B 322 0.86 2.41 -2.87
C GLY B 322 0.68 3.89 -3.10
N LEU B 323 -0.01 4.28 -4.17
CA LEU B 323 -0.24 5.68 -4.48
C LEU B 323 -1.69 6.04 -4.15
N GLN B 324 -1.87 7.16 -3.45
CA GLN B 324 -3.19 7.76 -3.24
C GLN B 324 -3.21 9.10 -3.95
N VAL B 325 -4.27 9.36 -4.70
CA VAL B 325 -4.39 10.56 -5.52
C VAL B 325 -5.77 11.16 -5.34
N LEU B 326 -5.83 12.49 -5.33
CA LEU B 326 -7.08 13.25 -5.30
C LEU B 326 -7.15 14.08 -6.58
N VAL B 327 -8.15 13.82 -7.42
CA VAL B 327 -8.31 14.52 -8.69
C VAL B 327 -9.73 15.08 -8.76
N GLY B 328 -9.89 16.10 -9.58
CA GLY B 328 -11.21 16.69 -9.71
C GLY B 328 -11.22 17.84 -10.71
N VAL B 329 -12.44 18.33 -10.94
CA VAL B 329 -12.71 19.36 -11.94
C VAL B 329 -13.78 20.29 -11.39
N VAL B 330 -13.90 21.47 -12.01
CA VAL B 330 -15.00 22.38 -11.71
C VAL B 330 -16.13 22.08 -12.67
N LYS B 331 -17.31 22.66 -12.40
CA LYS B 331 -18.50 22.31 -13.16
C LYS B 331 -18.40 22.75 -14.61
N ASP B 332 -17.75 23.89 -14.88
CA ASP B 332 -17.72 24.49 -16.22
C ASP B 332 -16.27 24.79 -16.60
N GLU B 333 -15.53 23.73 -16.94
CA GLU B 333 -14.10 23.87 -17.20
C GLU B 333 -13.79 24.73 -18.42
N GLY B 334 -14.71 24.79 -19.38
CA GLY B 334 -14.41 25.42 -20.66
C GLY B 334 -14.75 26.89 -20.80
N SER B 335 -15.73 27.37 -20.02
CA SER B 335 -16.29 28.69 -20.25
C SER B 335 -15.23 29.79 -20.19
N TYR B 336 -14.32 29.70 -19.22
CA TYR B 336 -13.31 30.74 -19.02
C TYR B 336 -12.48 30.98 -20.28
N PHE B 337 -12.18 29.91 -21.01
CA PHE B 337 -11.27 30.02 -22.15
C PHE B 337 -11.95 30.55 -23.41
N LEU B 338 -13.29 30.47 -23.49
CA LEU B 338 -13.98 30.84 -24.72
C LEU B 338 -13.90 32.35 -24.98
N VAL B 339 -13.71 33.16 -23.94
CA VAL B 339 -13.65 34.62 -24.15
C VAL B 339 -12.31 35.07 -24.68
N TYR B 340 -11.34 34.17 -24.83
CA TYR B 340 -10.03 34.51 -25.35
C TYR B 340 -9.82 34.04 -26.79
N GLY B 341 -10.90 33.87 -27.56
CA GLY B 341 -10.72 33.51 -28.95
C GLY B 341 -11.92 32.93 -29.68
N ALA B 342 -12.87 32.35 -28.96
CA ALA B 342 -14.03 31.76 -29.61
C ALA B 342 -14.93 32.87 -30.15
N PRO B 343 -15.24 32.89 -31.44
CA PRO B 343 -16.05 33.99 -31.99
C PRO B 343 -17.41 34.09 -31.32
N GLY B 344 -17.78 35.32 -30.98
CA GLY B 344 -19.08 35.60 -30.38
C GLY B 344 -19.12 35.57 -28.88
N PHE B 345 -18.02 35.23 -28.20
CA PHE B 345 -18.00 35.15 -26.75
C PHE B 345 -17.43 36.42 -26.14
N SER B 346 -17.91 36.75 -24.95
CA SER B 346 -17.51 37.92 -24.18
C SER B 346 -18.12 37.78 -22.80
N LYS B 347 -17.42 38.32 -21.80
CA LYS B 347 -18.00 38.35 -20.47
C LYS B 347 -19.08 39.40 -20.32
N ASP B 348 -19.18 40.33 -21.27
CA ASP B 348 -20.08 41.48 -21.17
C ASP B 348 -21.38 41.29 -21.96
N ASN B 349 -21.69 40.05 -22.37
CA ASN B 349 -22.94 39.77 -23.04
C ASN B 349 -23.38 38.37 -22.59
N GLU B 350 -24.44 37.84 -23.22
CA GLU B 350 -24.90 36.47 -22.97
C GLU B 350 -24.15 35.43 -23.79
N SER B 351 -23.32 35.82 -24.76
CA SER B 351 -22.57 34.90 -25.62
C SER B 351 -23.50 33.89 -26.29
N LEU B 352 -24.62 34.41 -26.81
CA LEU B 352 -25.60 33.60 -27.52
C LEU B 352 -25.13 33.46 -28.96
N ILE B 353 -24.23 32.51 -29.19
CA ILE B 353 -23.59 32.40 -30.49
C ILE B 353 -24.52 31.73 -31.48
N SER B 354 -24.25 31.99 -32.76
CA SER B 354 -24.94 31.32 -33.84
C SER B 354 -24.26 29.99 -34.14
N ARG B 355 -24.93 29.19 -34.96
CA ARG B 355 -24.38 27.92 -35.37
C ARG B 355 -23.07 28.08 -36.12
N ALA B 356 -23.00 29.09 -37.00
CA ALA B 356 -21.77 29.37 -37.72
C ALA B 356 -20.63 29.69 -36.75
N GLU B 357 -20.92 30.49 -35.72
CA GLU B 357 -19.91 30.76 -34.70
C GLU B 357 -19.54 29.49 -33.94
N PHE B 358 -20.52 28.61 -33.71
CA PHE B 358 -20.25 27.35 -33.02
C PHE B 358 -19.31 26.48 -33.84
N LEU B 359 -19.59 26.32 -35.13
CA LEU B 359 -18.71 25.53 -35.99
C LEU B 359 -17.31 26.14 -36.08
N ALA B 360 -17.25 27.48 -36.17
CA ALA B 360 -15.96 28.15 -36.17
C ALA B 360 -15.23 27.94 -34.84
N GLY B 361 -15.96 28.03 -33.73
CA GLY B 361 -15.34 27.86 -32.43
C GLY B 361 -14.82 26.45 -32.19
N VAL B 362 -15.42 25.45 -32.81
CA VAL B 362 -14.93 24.07 -32.67
C VAL B 362 -13.51 23.96 -33.21
N ARG B 363 -13.20 24.71 -34.27
CA ARG B 363 -11.86 24.64 -34.84
C ARG B 363 -10.84 25.37 -33.99
N VAL B 364 -11.23 26.44 -33.29
CA VAL B 364 -10.30 27.09 -32.38
C VAL B 364 -10.18 26.30 -31.08
N GLY B 365 -11.23 25.55 -30.70
CA GLY B 365 -11.23 24.82 -29.45
C GLY B 365 -10.61 23.45 -29.57
N VAL B 366 -10.64 22.88 -30.77
CA VAL B 366 -9.96 21.61 -31.06
C VAL B 366 -8.99 21.83 -32.21
N PRO B 367 -7.87 22.52 -32.00
CA PRO B 367 -6.99 22.86 -33.11
C PRO B 367 -6.06 21.72 -33.52
N GLN B 368 -5.49 21.86 -34.72
CA GLN B 368 -4.61 20.88 -35.36
C GLN B 368 -5.23 19.49 -35.43
N VAL B 369 -6.51 19.42 -35.79
CA VAL B 369 -7.09 18.14 -36.14
C VAL B 369 -7.64 18.23 -37.55
N SER B 370 -7.79 17.08 -38.19
CA SER B 370 -8.35 17.04 -39.53
C SER B 370 -9.83 17.42 -39.49
N ASP B 371 -10.37 17.76 -40.67
CA ASP B 371 -11.77 18.12 -40.76
C ASP B 371 -12.68 16.97 -40.37
N LEU B 372 -12.27 15.74 -40.67
CA LEU B 372 -13.04 14.57 -40.25
C LEU B 372 -13.16 14.52 -38.73
N ALA B 373 -12.05 14.77 -38.03
CA ALA B 373 -12.08 14.81 -36.57
C ALA B 373 -12.97 15.95 -36.08
N ALA B 374 -12.89 17.11 -36.72
CA ALA B 374 -13.76 18.23 -36.35
C ALA B 374 -15.22 17.88 -36.58
N GLU B 375 -15.52 17.21 -37.70
CA GLU B 375 -16.90 16.80 -37.97
C GLU B 375 -17.40 15.81 -36.92
N ALA B 376 -16.52 14.91 -36.46
CA ALA B 376 -16.90 14.01 -35.38
C ALA B 376 -17.24 14.80 -34.12
N VAL B 377 -16.53 15.90 -33.88
CA VAL B 377 -16.80 16.72 -32.70
C VAL B 377 -18.17 17.38 -32.81
N VAL B 378 -18.46 17.97 -33.98
CA VAL B 378 -19.75 18.67 -34.12
C VAL B 378 -20.90 17.67 -34.10
N LEU B 379 -20.65 16.41 -34.47
CA LEU B 379 -21.70 15.40 -34.41
C LEU B 379 -22.08 15.08 -32.97
N HIS B 380 -21.08 14.88 -32.11
CA HIS B 380 -21.34 14.46 -30.74
CA HIS B 380 -21.36 14.46 -30.74
C HIS B 380 -21.93 15.58 -29.90
N TYR B 381 -21.59 16.84 -30.20
CA TYR B 381 -21.99 17.96 -29.38
C TYR B 381 -23.15 18.76 -29.97
N THR B 382 -23.76 18.29 -31.05
CA THR B 382 -24.97 18.90 -31.59
C THR B 382 -26.19 18.15 -31.09
N ASP B 383 -27.16 18.88 -30.56
CA ASP B 383 -28.50 18.34 -30.36
C ASP B 383 -29.24 18.49 -31.69
N TRP B 384 -29.40 17.39 -32.41
CA TRP B 384 -29.98 17.47 -33.74
C TRP B 384 -31.48 17.70 -33.72
N LEU B 385 -32.09 17.81 -32.54
CA LEU B 385 -33.45 18.34 -32.43
C LEU B 385 -33.47 19.85 -32.24
N HIS B 386 -32.37 20.45 -31.77
CA HIS B 386 -32.23 21.92 -31.70
C HIS B 386 -30.87 22.29 -32.26
N PRO B 387 -30.67 22.10 -33.57
CA PRO B 387 -29.34 22.33 -34.16
C PRO B 387 -28.78 23.73 -33.96
N GLU B 388 -29.64 24.73 -33.81
CA GLU B 388 -29.20 26.12 -33.93
C GLU B 388 -29.59 26.99 -32.74
N ASP B 389 -29.96 26.38 -31.62
CA ASP B 389 -30.35 27.15 -30.44
C ASP B 389 -29.12 27.78 -29.80
N PRO B 390 -29.01 29.12 -29.74
CA PRO B 390 -27.77 29.74 -29.23
C PRO B 390 -27.38 29.28 -27.83
N ALA B 391 -28.33 29.22 -26.89
CA ALA B 391 -28.01 28.87 -25.51
C ALA B 391 -27.33 27.50 -25.44
N ARG B 392 -27.88 26.51 -26.13
CA ARG B 392 -27.27 25.18 -26.12
C ARG B 392 -25.96 25.15 -26.90
N LEU B 393 -25.85 25.95 -27.97
CA LEU B 393 -24.59 26.05 -28.68
C LEU B 393 -23.50 26.61 -27.79
N ARG B 394 -23.81 27.67 -27.04
CA ARG B 394 -22.84 28.23 -26.09
C ARG B 394 -22.44 27.18 -25.05
N GLU B 395 -23.44 26.51 -24.46
CA GLU B 395 -23.15 25.45 -23.50
C GLU B 395 -22.34 24.33 -24.15
N ALA B 396 -22.64 24.01 -25.41
CA ALA B 396 -21.97 22.89 -26.06
C ALA B 396 -20.51 23.19 -26.32
N LEU B 397 -20.19 24.38 -26.83
CA LEU B 397 -18.80 24.72 -27.09
C LEU B 397 -18.00 24.78 -25.79
N SER B 398 -18.62 25.24 -24.71
CA SER B 398 -17.98 25.16 -23.40
C SER B 398 -17.68 23.73 -23.02
N ASP B 399 -18.60 22.81 -23.31
CA ASP B 399 -18.34 21.40 -23.05
C ASP B 399 -17.21 20.87 -23.92
N VAL B 400 -17.18 21.27 -25.21
CA VAL B 400 -16.13 20.82 -26.11
C VAL B 400 -14.76 21.19 -25.53
N VAL B 401 -14.56 22.47 -25.24
CA VAL B 401 -13.27 22.94 -24.74
C VAL B 401 -12.96 22.31 -23.39
N GLY B 402 -13.98 22.19 -22.52
CA GLY B 402 -13.73 21.68 -21.18
C GLY B 402 -13.48 20.19 -21.14
N ASP B 403 -14.22 19.41 -21.93
CA ASP B 403 -14.02 17.97 -21.92
C ASP B 403 -12.71 17.59 -22.60
N HIS B 404 -12.40 18.22 -23.74
CA HIS B 404 -11.21 17.84 -24.48
C HIS B 404 -9.94 18.23 -23.74
N ASN B 405 -9.97 19.34 -23.01
CA ASN B 405 -8.76 19.85 -22.36
C ASN B 405 -8.62 19.43 -20.90
N VAL B 406 -9.70 19.26 -20.16
CA VAL B 406 -9.57 19.01 -18.72
C VAL B 406 -10.28 17.74 -18.28
N VAL B 407 -11.60 17.67 -18.51
CA VAL B 407 -12.42 16.63 -17.87
C VAL B 407 -11.99 15.24 -18.33
N CYS B 408 -11.86 15.04 -19.64
CA CYS B 408 -11.58 13.71 -20.14
C CYS B 408 -10.13 13.30 -19.96
N PRO B 409 -9.15 14.22 -20.07
CA PRO B 409 -7.79 13.84 -19.63
C PRO B 409 -7.74 13.44 -18.16
N VAL B 410 -8.44 14.16 -17.29
CA VAL B 410 -8.47 13.81 -15.87
C VAL B 410 -9.17 12.46 -15.67
N ALA B 411 -10.26 12.22 -16.41
CA ALA B 411 -10.96 10.95 -16.29
C ALA B 411 -10.09 9.78 -16.76
N GLN B 412 -9.35 9.99 -17.85
CA GLN B 412 -8.43 8.95 -18.32
C GLN B 412 -7.39 8.64 -17.26
N LEU B 413 -6.77 9.66 -16.69
CA LEU B 413 -5.75 9.47 -15.67
C LEU B 413 -6.31 8.71 -14.47
N ALA B 414 -7.47 9.16 -13.96
CA ALA B 414 -8.06 8.53 -12.78
C ALA B 414 -8.37 7.06 -13.04
N GLY B 415 -8.91 6.74 -14.22
CA GLY B 415 -9.26 5.36 -14.50
C GLY B 415 -8.04 4.46 -14.61
N ARG B 416 -7.00 4.92 -15.29
CA ARG B 416 -5.79 4.10 -15.43
C ARG B 416 -5.10 3.90 -14.09
N LEU B 417 -4.98 4.96 -13.29
CA LEU B 417 -4.34 4.84 -11.99
C LEU B 417 -5.11 3.90 -11.07
N ALA B 418 -6.44 4.03 -11.04
CA ALA B 418 -7.25 3.17 -10.20
C ALA B 418 -7.12 1.70 -10.62
N ALA B 419 -7.17 1.44 -11.93
CA ALA B 419 -7.07 0.08 -12.43
C ALA B 419 -5.66 -0.50 -12.30
N GLN B 420 -4.67 0.32 -11.97
CA GLN B 420 -3.29 -0.13 -11.88
C GLN B 420 -2.70 0.06 -10.48
N GLY B 421 -3.56 0.02 -9.46
CA GLY B 421 -3.12 -0.11 -8.09
C GLY B 421 -3.30 1.11 -7.22
N ALA B 422 -3.61 2.27 -7.77
CA ALA B 422 -3.72 3.49 -6.98
C ALA B 422 -5.10 3.62 -6.36
N ARG B 423 -5.15 4.26 -5.20
CA ARG B 423 -6.41 4.63 -4.57
C ARG B 423 -6.73 6.07 -4.96
N VAL B 424 -7.83 6.25 -5.69
CA VAL B 424 -8.16 7.51 -6.33
C VAL B 424 -9.45 8.07 -5.72
N TYR B 425 -9.47 9.37 -5.46
CA TYR B 425 -10.66 10.08 -5.03
C TYR B 425 -10.94 11.19 -6.03
N ALA B 426 -12.18 11.25 -6.51
CA ALA B 426 -12.58 12.19 -7.55
C ALA B 426 -13.71 13.08 -7.05
N TYR B 427 -13.71 14.33 -7.54
CA TYR B 427 -14.73 15.30 -7.17
C TYR B 427 -15.09 16.15 -8.38
N VAL B 428 -16.27 16.75 -8.33
CA VAL B 428 -16.61 17.88 -9.18
C VAL B 428 -17.04 19.02 -8.28
N PHE B 429 -16.38 20.17 -8.44
CA PHE B 429 -16.63 21.35 -7.62
C PHE B 429 -17.73 22.16 -8.30
N GLU B 430 -18.89 22.28 -7.64
CA GLU B 430 -20.08 22.83 -8.28
C GLU B 430 -20.60 24.10 -7.59
N HIS B 431 -19.83 24.71 -6.69
CA HIS B 431 -20.30 25.92 -6.03
C HIS B 431 -19.80 27.14 -6.78
N ARG B 432 -20.73 28.01 -7.17
CA ARG B 432 -20.39 29.31 -7.73
C ARG B 432 -20.26 30.31 -6.57
N ALA B 433 -19.07 30.90 -6.46
CA ALA B 433 -18.83 31.85 -5.36
C ALA B 433 -19.77 33.04 -5.46
N SER B 434 -20.33 33.44 -4.32
CA SER B 434 -21.19 34.60 -4.28
C SER B 434 -20.48 35.88 -4.69
N THR B 435 -19.15 35.88 -4.63
CA THR B 435 -18.33 37.03 -4.99
C THR B 435 -17.81 36.97 -6.43
N LEU B 436 -18.18 35.93 -7.17
CA LEU B 436 -17.65 35.73 -8.51
C LEU B 436 -18.04 36.89 -9.42
N SER B 437 -17.05 37.49 -10.07
CA SER B 437 -17.27 38.64 -10.93
C SER B 437 -17.56 38.27 -12.37
N TRP B 438 -17.24 37.04 -12.78
CA TRP B 438 -17.56 36.60 -14.13
C TRP B 438 -19.07 36.45 -14.28
N PRO B 439 -19.60 36.59 -15.49
CA PRO B 439 -21.05 36.53 -15.70
C PRO B 439 -21.60 35.16 -15.33
N LEU B 440 -22.93 35.11 -15.19
CA LEU B 440 -23.60 33.90 -14.72
C LEU B 440 -23.52 32.77 -15.73
N TRP B 441 -23.44 33.08 -17.03
CA TRP B 441 -23.45 32.03 -18.03
C TRP B 441 -22.18 31.19 -17.99
N MET B 442 -21.12 31.66 -17.34
CA MET B 442 -19.90 30.86 -17.21
C MET B 442 -19.98 29.84 -16.09
N GLY B 443 -21.01 29.90 -15.25
CA GLY B 443 -21.18 28.90 -14.20
C GLY B 443 -20.05 28.94 -13.20
N VAL B 444 -19.43 27.78 -12.97
CA VAL B 444 -18.28 27.65 -12.10
C VAL B 444 -17.04 27.51 -12.97
N PRO B 445 -16.30 28.59 -13.23
CA PRO B 445 -15.24 28.55 -14.22
C PRO B 445 -13.96 27.92 -13.69
N HIS B 446 -13.07 27.64 -14.63
CA HIS B 446 -11.73 27.13 -14.36
C HIS B 446 -11.01 27.99 -13.32
N GLY B 447 -10.59 27.35 -12.22
CA GLY B 447 -9.75 27.97 -11.23
C GLY B 447 -10.45 28.49 -10.01
N TYR B 448 -11.78 28.49 -9.97
CA TYR B 448 -12.52 29.16 -8.91
C TYR B 448 -12.95 28.22 -7.80
N GLU B 449 -12.30 27.06 -7.69
CA GLU B 449 -12.32 26.28 -6.47
C GLU B 449 -11.12 26.55 -5.58
N ILE B 450 -10.08 27.18 -6.13
CA ILE B 450 -8.83 27.39 -5.40
C ILE B 450 -9.07 28.22 -4.14
N GLU B 451 -9.81 29.32 -4.27
CA GLU B 451 -10.00 30.24 -3.15
C GLU B 451 -10.67 29.55 -1.98
N PHE B 452 -11.49 28.53 -2.22
CA PHE B 452 -12.12 27.79 -1.14
C PHE B 452 -11.17 26.79 -0.51
N ILE B 453 -10.31 26.16 -1.32
CA ILE B 453 -9.35 25.20 -0.79
C ILE B 453 -8.32 25.89 0.09
N PHE B 454 -7.93 27.12 -0.25
CA PHE B 454 -7.02 27.89 0.58
C PHE B 454 -7.74 28.67 1.68
N GLY B 455 -9.06 28.56 1.77
CA GLY B 455 -9.79 29.16 2.87
C GLY B 455 -9.87 30.68 2.83
N ILE B 456 -9.76 31.27 1.65
CA ILE B 456 -9.87 32.72 1.49
C ILE B 456 -11.19 33.24 2.06
N PRO B 457 -12.32 32.51 1.98
CA PRO B 457 -13.54 32.99 2.64
C PRO B 457 -13.40 33.30 4.13
N LEU B 458 -12.40 32.75 4.81
CA LEU B 458 -12.20 33.07 6.21
C LEU B 458 -11.70 34.50 6.42
N ASP B 459 -11.13 35.12 5.38
CA ASP B 459 -10.69 36.50 5.46
C ASP B 459 -11.89 37.39 5.72
N PRO B 460 -11.96 38.06 6.88
CA PRO B 460 -13.14 38.86 7.19
C PRO B 460 -13.33 40.06 6.28
N SER B 461 -12.27 40.55 5.64
CA SER B 461 -12.36 41.70 4.73
C SER B 461 -12.88 41.32 3.34
N ARG B 462 -13.58 40.19 3.22
CA ARG B 462 -14.21 39.78 1.97
C ARG B 462 -15.64 39.34 2.28
N ASN B 463 -16.51 39.41 1.27
CA ASN B 463 -17.95 39.32 1.49
C ASN B 463 -18.51 37.92 1.28
N TYR B 464 -17.74 36.87 1.59
CA TYR B 464 -18.31 35.53 1.52
C TYR B 464 -19.36 35.34 2.61
N THR B 465 -20.32 34.46 2.33
CA THR B 465 -21.38 34.19 3.28
C THR B 465 -20.88 33.30 4.41
N ALA B 466 -21.74 33.13 5.43
CA ALA B 466 -21.38 32.27 6.55
C ALA B 466 -21.29 30.81 6.12
N GLU B 467 -22.17 30.37 5.22
CA GLU B 467 -22.09 28.99 4.75
C GLU B 467 -20.89 28.79 3.83
N GLU B 468 -20.44 29.83 3.14
CA GLU B 468 -19.25 29.71 2.32
C GLU B 468 -18.00 29.55 3.19
N LYS B 469 -17.98 30.24 4.34
CA LYS B 469 -16.90 30.03 5.30
C LYS B 469 -16.91 28.58 5.82
N ILE B 470 -18.09 28.08 6.17
CA ILE B 470 -18.22 26.69 6.60
C ILE B 470 -17.78 25.76 5.47
N PHE B 471 -18.22 26.04 4.25
CA PHE B 471 -17.85 25.23 3.09
C PHE B 471 -16.33 25.22 2.89
N ALA B 472 -15.70 26.38 3.02
CA ALA B 472 -14.23 26.43 2.91
C ALA B 472 -13.56 25.57 3.97
N GLN B 473 -14.06 25.61 5.21
CA GLN B 473 -13.46 24.83 6.28
C GLN B 473 -13.60 23.34 6.02
N ARG B 474 -14.71 22.92 5.40
CA ARG B 474 -14.87 21.51 5.05
C ARG B 474 -13.92 21.08 3.95
N LEU B 475 -13.72 21.94 2.95
CA LEU B 475 -12.79 21.60 1.87
C LEU B 475 -11.36 21.55 2.38
N MET B 476 -10.97 22.50 3.23
CA MET B 476 -9.64 22.44 3.85
C MET B 476 -9.46 21.16 4.65
N ARG B 477 -10.52 20.71 5.33
CA ARG B 477 -10.44 19.47 6.08
C ARG B 477 -10.27 18.27 5.16
N TYR B 478 -10.99 18.25 4.03
CA TYR B 478 -10.82 17.16 3.06
C TYR B 478 -9.39 17.09 2.55
N TRP B 479 -8.86 18.23 2.10
CA TRP B 479 -7.51 18.25 1.52
C TRP B 479 -6.46 17.87 2.57
N ALA B 480 -6.57 18.40 3.78
CA ALA B 480 -5.58 18.10 4.81
C ALA B 480 -5.71 16.67 5.31
N ASN B 481 -6.95 16.17 5.43
CA ASN B 481 -7.15 14.75 5.74
C ASN B 481 -6.42 13.89 4.73
N PHE B 482 -6.56 14.21 3.44
CA PHE B 482 -5.87 13.46 2.40
C PHE B 482 -4.36 13.59 2.54
N ALA B 483 -3.87 14.79 2.83
CA ALA B 483 -2.44 14.98 3.04
C ALA B 483 -1.93 14.14 4.21
N ARG B 484 -2.76 13.96 5.23
CA ARG B 484 -2.31 13.24 6.43
C ARG B 484 -2.40 11.74 6.27
N THR B 485 -3.43 11.23 5.59
CA THR B 485 -3.72 9.80 5.58
C THR B 485 -3.92 9.18 4.21
N GLY B 486 -3.94 9.97 3.14
CA GLY B 486 -4.31 9.44 1.84
C GLY B 486 -5.80 9.19 1.66
N ASP B 487 -6.62 9.64 2.61
CA ASP B 487 -8.06 9.48 2.63
C ASP B 487 -8.69 10.79 3.08
N PRO B 488 -9.54 11.42 2.26
CA PRO B 488 -10.16 12.68 2.69
C PRO B 488 -11.25 12.51 3.75
N ASN B 489 -11.69 11.30 4.03
CA ASN B 489 -12.80 11.08 4.95
C ASN B 489 -12.35 11.24 6.39
N GLU B 490 -13.33 11.52 7.25
CA GLU B 490 -13.10 11.68 8.69
C GLU B 490 -13.32 10.36 9.43
N ALA B 496 -21.47 10.19 7.20
CA ALA B 496 -21.01 11.57 7.08
C ALA B 496 -21.79 12.39 6.04
N PRO B 497 -22.06 11.85 4.83
CA PRO B 497 -21.75 10.55 4.20
C PRO B 497 -20.33 10.46 3.65
N GLN B 498 -19.94 9.26 3.25
CA GLN B 498 -18.55 8.97 2.94
C GLN B 498 -18.20 9.26 1.48
N TRP B 499 -16.95 9.64 1.27
CA TRP B 499 -16.40 9.86 -0.06
C TRP B 499 -15.81 8.55 -0.56
N PRO B 500 -16.43 7.89 -1.53
CA PRO B 500 -15.92 6.58 -1.96
C PRO B 500 -14.77 6.74 -2.93
N PRO B 501 -13.88 5.76 -3.00
CA PRO B 501 -12.82 5.81 -4.02
C PRO B 501 -13.38 5.71 -5.42
N TYR B 502 -12.69 6.34 -6.36
CA TYR B 502 -13.03 6.24 -7.77
C TYR B 502 -12.41 4.98 -8.35
N THR B 503 -13.21 4.19 -9.07
CA THR B 503 -12.75 2.98 -9.71
C THR B 503 -13.08 3.03 -11.20
N ALA B 504 -12.36 2.21 -11.98
CA ALA B 504 -12.58 2.20 -13.42
C ALA B 504 -13.97 1.70 -13.77
N GLY B 505 -14.50 0.75 -13.02
CA GLY B 505 -15.84 0.26 -13.25
C GLY B 505 -16.92 1.18 -12.72
N ALA B 506 -16.94 1.38 -11.39
CA ALA B 506 -18.03 2.12 -10.78
C ALA B 506 -17.93 3.62 -11.08
N GLN B 507 -16.73 4.16 -11.22
CA GLN B 507 -16.52 5.55 -11.65
C GLN B 507 -17.18 6.56 -10.72
N GLN B 508 -17.13 6.29 -9.42
CA GLN B 508 -17.83 7.15 -8.46
C GLN B 508 -17.00 8.37 -8.10
N TYR B 509 -17.69 9.50 -7.96
CA TYR B 509 -17.10 10.74 -7.49
C TYR B 509 -18.14 11.48 -6.66
N VAL B 510 -17.72 12.56 -6.02
CA VAL B 510 -18.61 13.37 -5.20
C VAL B 510 -18.69 14.78 -5.76
N SER B 511 -19.82 15.42 -5.54
CA SER B 511 -19.99 16.83 -5.85
C SER B 511 -19.66 17.66 -4.61
N LEU B 512 -18.85 18.70 -4.79
CA LEU B 512 -18.48 19.59 -3.70
C LEU B 512 -19.26 20.89 -3.86
N ASP B 513 -20.19 21.12 -2.92
CA ASP B 513 -20.89 22.39 -2.81
C ASP B 513 -21.38 22.52 -1.38
N LEU B 514 -22.35 23.40 -1.14
CA LEU B 514 -22.79 23.65 0.22
C LEU B 514 -23.69 22.55 0.77
N ARG B 515 -24.31 21.75 -0.10
CA ARG B 515 -25.04 20.59 0.35
C ARG B 515 -24.06 19.49 0.80
N PRO B 516 -24.52 18.53 1.59
CA PRO B 516 -23.65 17.41 1.94
C PRO B 516 -23.17 16.66 0.70
N LEU B 517 -22.12 15.86 0.90
CA LEU B 517 -21.56 15.07 -0.20
C LEU B 517 -22.63 14.25 -0.89
N GLU B 518 -22.63 14.30 -2.22
CA GLU B 518 -23.51 13.50 -3.04
C GLU B 518 -22.65 12.66 -3.98
N VAL B 519 -22.86 11.36 -3.97
CA VAL B 519 -22.06 10.43 -4.77
C VAL B 519 -22.74 10.26 -6.13
N ARG B 520 -21.96 10.38 -7.20
CA ARG B 520 -22.44 10.23 -8.56
C ARG B 520 -21.50 9.29 -9.32
N ARG B 521 -21.95 8.86 -10.50
CA ARG B 521 -21.22 7.90 -11.33
C ARG B 521 -20.86 8.55 -12.65
N GLY B 522 -19.59 8.40 -13.04
CA GLY B 522 -19.15 8.81 -14.37
C GLY B 522 -18.79 10.27 -14.53
N LEU B 523 -17.52 10.54 -14.84
CA LEU B 523 -17.05 11.88 -15.17
C LEU B 523 -17.27 12.10 -16.67
N ARG B 524 -18.51 12.49 -17.01
CA ARG B 524 -18.90 12.67 -18.40
CA ARG B 524 -18.93 12.66 -18.40
C ARG B 524 -18.53 11.45 -19.24
N ALA B 525 -19.02 10.30 -18.79
CA ALA B 525 -18.58 9.02 -19.35
C ALA B 525 -18.83 8.92 -20.85
N GLN B 526 -19.99 9.37 -21.32
CA GLN B 526 -20.29 9.32 -22.75
C GLN B 526 -19.33 10.20 -23.54
N ALA B 527 -19.21 11.47 -23.13
CA ALA B 527 -18.37 12.42 -23.86
C ALA B 527 -16.91 11.99 -23.85
N CYS B 528 -16.44 11.44 -22.72
CA CYS B 528 -15.04 11.07 -22.62
C CYS B 528 -14.72 9.76 -23.35
N ALA B 529 -15.72 8.92 -23.58
CA ALA B 529 -15.51 7.79 -24.49
C ALA B 529 -15.13 8.28 -25.88
N PHE B 530 -15.75 9.37 -26.33
CA PHE B 530 -15.40 9.94 -27.62
C PHE B 530 -13.95 10.41 -27.65
N TRP B 531 -13.55 11.21 -26.65
CA TRP B 531 -12.21 11.80 -26.66
C TRP B 531 -11.13 10.77 -26.39
N ASN B 532 -11.38 9.85 -25.46
CA ASN B 532 -10.33 8.95 -25.00
C ASN B 532 -10.31 7.61 -25.73
N ARG B 533 -11.44 7.17 -26.28
CA ARG B 533 -11.48 5.87 -26.96
C ARG B 533 -11.54 6.00 -28.47
N PHE B 534 -12.39 6.87 -29.01
CA PHE B 534 -12.59 6.85 -30.46
C PHE B 534 -11.63 7.77 -31.22
N LEU B 535 -11.56 9.04 -30.83
CA LEU B 535 -10.81 9.99 -31.66
C LEU B 535 -9.34 9.66 -31.82
N PRO B 536 -8.62 9.10 -30.82
CA PRO B 536 -7.26 8.63 -31.11
C PRO B 536 -7.18 7.66 -32.27
N LYS B 537 -8.11 6.70 -32.34
CA LYS B 537 -8.13 5.77 -33.46
C LYS B 537 -8.37 6.48 -34.77
N LEU B 538 -9.22 7.51 -34.76
CA LEU B 538 -9.54 8.24 -35.98
C LEU B 538 -8.34 9.00 -36.50
N LEU B 539 -7.56 9.61 -35.60
CA LEU B 539 -6.45 10.47 -36.04
C LEU B 539 -5.31 9.68 -36.67
N SER B 540 -5.09 8.44 -36.22
CA SER B 540 -3.96 7.65 -36.68
C SER B 540 -4.28 6.77 -37.88
N ALA B 541 -5.54 6.69 -38.28
CA ALA B 541 -5.92 5.86 -39.42
C ALA B 541 -6.70 6.67 -40.45
C1 NAG C . 22.41 -33.74 -6.40
C2 NAG C . 23.10 -35.04 -6.79
C3 NAG C . 23.09 -36.04 -5.65
C4 NAG C . 23.64 -35.40 -4.38
C5 NAG C . 22.86 -34.12 -4.08
C6 NAG C . 23.39 -33.44 -2.82
C7 NAG C . 22.75 -35.17 -9.19
C8 NAG C . 24.18 -34.83 -9.44
N2 NAG C . 22.47 -35.61 -7.96
O3 NAG C . 23.91 -37.18 -5.99
O4 NAG C . 23.51 -36.30 -3.29
O5 NAG C . 22.93 -33.21 -5.19
O6 NAG C . 24.72 -32.97 -3.06
O7 NAG C . 21.89 -35.07 -10.05
C1 NAG C . 24.76 -36.33 -2.57
C2 NAG C . 24.61 -37.19 -1.32
C3 NAG C . 25.93 -37.29 -0.56
C4 NAG C . 27.03 -37.76 -1.51
C5 NAG C . 27.10 -36.83 -2.71
C6 NAG C . 28.18 -37.28 -3.68
C7 NAG C . 22.30 -36.85 -0.66
C8 NAG C . 21.35 -36.01 0.14
N2 NAG C . 23.59 -36.62 -0.45
O3 NAG C . 25.79 -38.24 0.50
O4 NAG C . 28.29 -37.75 -0.83
O5 NAG C . 25.83 -36.81 -3.39
O6 NAG C . 27.82 -38.54 -4.26
O7 NAG C . 21.91 -37.69 -1.46
C1 FUC C . 24.79 -31.57 -2.74
C2 FUC C . 26.14 -31.26 -2.11
C3 FUC C . 27.26 -31.32 -3.14
C4 FUC C . 26.90 -30.45 -4.34
C5 FUC C . 25.54 -30.86 -4.89
C6 FUC C . 25.16 -29.98 -6.08
O2 FUC C . 26.40 -32.20 -1.07
O3 FUC C . 28.48 -30.85 -2.55
O4 FUC C . 26.86 -29.08 -3.94
O5 FUC C . 24.54 -30.74 -3.88
C1 NAG D . -21.08 39.98 -27.64
C2 NAG D . -21.76 39.95 -29.00
C3 NAG D . -20.83 39.41 -30.08
C4 NAG D . -19.50 40.15 -30.04
C5 NAG D . -18.92 40.10 -28.64
C6 NAG D . -17.59 40.86 -28.59
C7 NAG D . -24.11 39.65 -28.47
C8 NAG D . -24.39 41.09 -28.83
N2 NAG D . -22.96 39.15 -28.94
O3 NAG D . -21.44 39.56 -31.36
O4 NAG D . -18.59 39.57 -30.98
O5 NAG D . -19.83 40.66 -27.70
O6 NAG D . -17.84 42.26 -28.79
O7 NAG D . -24.89 38.99 -27.80
C1 NAG D . -18.21 40.56 -31.94
C2 NAG D . -17.25 39.94 -32.95
C3 NAG D . -16.86 40.94 -34.03
C4 NAG D . -18.11 41.55 -34.64
C5 NAG D . -18.99 42.14 -33.55
C6 NAG D . -20.25 42.76 -34.14
C7 NAG D . -16.05 38.27 -31.66
C8 NAG D . -16.49 37.10 -32.49
N2 NAG D . -16.06 39.45 -32.27
O3 NAG D . -16.10 40.27 -35.05
O4 NAG D . -17.74 42.57 -35.57
O5 NAG D . -19.34 41.14 -32.59
O6 NAG D . -20.98 43.43 -33.11
O7 NAG D . -15.69 38.15 -30.49
C1 FUC D . -17.21 43.00 -27.72
C2 FUC D . -17.00 44.45 -28.16
C3 FUC D . -18.32 45.20 -28.23
C4 FUC D . -19.08 45.04 -26.91
C5 FUC D . -19.24 43.57 -26.59
C6 FUC D . -19.97 43.38 -25.27
O2 FUC D . -16.37 44.47 -29.45
O3 FUC D . -18.07 46.59 -28.47
O4 FUC D . -18.35 45.69 -25.86
O5 FUC D . -17.96 42.93 -26.51
C1 NAG E . 12.16 -36.43 44.52
C2 NAG E . 11.22 -37.16 45.48
C3 NAG E . 10.58 -36.20 46.46
C4 NAG E . 11.65 -35.35 47.14
C5 NAG E . 12.52 -34.67 46.08
C6 NAG E . 13.61 -33.84 46.74
C7 NAG E . 9.57 -37.31 43.69
C8 NAG E . 8.21 -36.74 43.98
N2 NAG E . 10.20 -37.87 44.74
O3 NAG E . 9.85 -36.93 47.45
O4 NAG E . 11.04 -34.37 47.96
O5 NAG E . 13.11 -35.64 45.23
O6 NAG E . 14.54 -34.70 47.41
O7 NAG E . 10.07 -37.27 42.59
O3 HI6 F . 19.72 -29.87 16.27
C14 HI6 F . 18.60 -29.51 16.33
N4 HI6 F . 18.07 -29.00 17.59
C11 HI6 F . 17.70 -29.57 15.10
C10 HI6 F . 16.43 -29.08 15.18
C9 HI6 F . 15.61 -29.13 14.07
N3 HI6 F . 16.07 -29.65 12.91
C13 HI6 F . 17.33 -30.15 12.83
C12 HI6 F . 18.15 -30.10 13.95
C8 HI6 F . 15.20 -29.69 11.75
O2 HI6 F . 15.74 -28.91 10.73
C7 HI6 F . 15.53 -29.46 9.45
N2 HI6 F . 14.29 -28.95 8.90
C2 HI6 F . 13.27 -29.79 8.63
C1 HI6 F . 13.42 -31.28 8.92
N1 HI6 F . 12.45 -31.93 9.38
O1 HI6 F . 12.59 -33.30 9.65
C3 HI6 F . 12.09 -29.31 8.08
C4 HI6 F . 11.96 -27.98 7.82
C5 HI6 F . 12.99 -27.14 8.09
C6 HI6 F . 14.17 -27.62 8.63
P1 VX G . 7.09 -23.17 8.33
O1 VX G . 6.72 -24.61 8.65
O2 VX G . 8.68 -23.08 7.95
C1 VX G . 6.10 -22.58 6.87
C2 VX G . 9.41 -24.28 7.90
C3 VX G . 10.75 -24.08 8.62
O3 VX G . 6.80 -22.31 9.53
C1 NAG H . -17.83 43.62 -1.03
C2 NAG H . -18.50 44.85 -0.42
C3 NAG H . -17.82 46.11 -0.94
C4 NAG H . -16.32 46.06 -0.74
C5 NAG H . -15.75 44.76 -1.33
C6 NAG H . -14.28 44.58 -1.06
C7 NAG H . -20.86 44.55 0.18
C8 NAG H . -20.37 44.15 1.55
N2 NAG H . -19.92 44.87 -0.70
O3 NAG H . -18.37 47.26 -0.28
O4 NAG H . -15.70 47.16 -1.39
O5 NAG H . -16.42 43.64 -0.75
O6 NAG H . -13.88 43.24 -1.29
O7 NAG H . -22.06 44.59 -0.09
O3 HI6 I . 1.72 37.23 -25.96
C14 HI6 I . 1.73 36.46 -25.07
N4 HI6 I . 2.96 36.17 -24.37
C11 HI6 I . 0.45 35.76 -24.64
C10 HI6 I . -0.73 36.03 -25.26
C9 HI6 I . -1.88 35.39 -24.86
N3 HI6 I . -1.83 34.50 -23.84
C13 HI6 I . -0.66 34.23 -23.22
C12 HI6 I . 0.49 34.87 -23.62
C8 HI6 I . -3.02 33.82 -23.40
O2 HI6 I . -3.79 34.71 -22.66
C7 HI6 I . -5.16 34.44 -22.79
N2 HI6 I . -5.56 33.53 -21.73
C2 HI6 I . -5.84 32.24 -22.02
C1 HI6 I . -5.71 31.73 -23.45
N1 HI6 I . -5.79 30.52 -23.71
O1 HI6 I . -5.67 30.09 -25.04
C3 HI6 I . -6.22 31.38 -21.01
C4 HI6 I . -6.33 31.84 -19.73
C5 HI6 I . -6.05 33.14 -19.46
C6 HI6 I . -5.67 33.99 -20.47
P1 VX J . -5.31 29.47 -13.76
O1 VX J . -4.90 28.07 -14.13
O2 VX J . -5.50 30.37 -15.12
C1 VX J . -6.92 29.43 -12.85
C2 VX J . -5.96 31.68 -14.99
C3 VX J . -5.44 32.51 -16.15
O3 VX J . -4.25 30.09 -12.88
#